data_2IU4
#
_entry.id   2IU4
#
_cell.length_a   99.897
_cell.length_b   99.897
_cell.length_c   188.566
_cell.angle_alpha   90.00
_cell.angle_beta   90.00
_cell.angle_gamma   120.00
#
_symmetry.space_group_name_H-M   'P 31 2 1'
#
loop_
_entity.id
_entity.type
_entity.pdbx_description
1 polymer 'DIHYDROXYACETONE KINASE'
2 non-polymer 'SULFATE ION'
3 water water
#
_entity_poly.entity_id   1
_entity_poly.type   'polypeptide(L)'
_entity_poly.pdbx_seq_one_letter_code
;MEFYNSTNEIPEEMLKGIDLTYPQLTYLPETGILYDNTYNEKTVPIISGGGSGHEPAHVGYVGSGMLAAAVTGPLFIPPK
SKNILKAIRQVNSGKGVFVIIKNFEADLKEFNEAIKEARTEGIDVRYIVSHDDISVNAYNFHKRHRGVAGTILLHKILGA
FAKEGGSIDEIEQLALSLSPEIYTLGVALAPVHFPHQKTSFVLAEDEVSFGIGI(HIQ)GEPGYRVEKFEGSERIAIELV
NKLKAEINWQKKANKNYILLVNGLGSTTLMELYSFQYDVMRLLELEGLSVKFCKVGNLMTSCDMSGISLTLCSVKDPKWL
DYLNVPTGAFAWLEHHHHHH
;
_entity_poly.pdbx_strand_id   A,B
#
loop_
_chem_comp.id
_chem_comp.type
_chem_comp.name
_chem_comp.formula
SO4 non-polymer 'SULFATE ION' 'O4 S -2'
#
# COMPACT_ATOMS: atom_id res chain seq x y z
N ASN A 8 -8.12 20.47 12.55
CA ASN A 8 -7.62 21.84 12.24
C ASN A 8 -6.10 21.93 12.40
N GLU A 9 -5.45 20.77 12.50
CA GLU A 9 -4.00 20.73 12.69
C GLU A 9 -3.37 19.97 11.54
N ILE A 10 -2.23 20.46 11.07
CA ILE A 10 -1.39 19.66 10.17
C ILE A 10 -1.09 18.34 10.90
N PRO A 11 -1.14 17.19 10.21
CA PRO A 11 -0.88 15.89 10.85
C PRO A 11 0.61 15.69 11.14
N GLU A 12 1.10 16.46 12.11
CA GLU A 12 2.52 16.62 12.41
C GLU A 12 3.12 15.25 12.73
N GLU A 13 2.47 14.48 13.59
CA GLU A 13 2.98 13.15 13.96
C GLU A 13 3.11 12.23 12.74
N MET A 14 2.14 12.30 11.82
CA MET A 14 2.20 11.40 10.69
C MET A 14 3.41 11.81 9.86
N LEU A 15 3.58 13.11 9.69
CA LEU A 15 4.65 13.61 8.83
C LEU A 15 6.03 13.37 9.46
N LYS A 16 6.14 13.56 10.76
CA LYS A 16 7.35 13.15 11.47
C LYS A 16 7.63 11.66 11.38
N GLY A 17 6.58 10.83 11.39
CA GLY A 17 6.74 9.39 11.25
C GLY A 17 7.20 8.99 9.85
N ILE A 18 6.64 9.62 8.83
CA ILE A 18 7.15 9.45 7.46
C ILE A 18 8.64 9.79 7.38
N ASP A 19 9.02 10.93 7.94
CA ASP A 19 10.42 11.34 7.94
C ASP A 19 11.29 10.28 8.62
N LEU A 20 10.86 9.74 9.77
CA LEU A 20 11.63 8.73 10.45
C LEU A 20 11.78 7.46 9.61
N THR A 21 10.77 7.15 8.83
CA THR A 21 10.73 5.89 8.11
C THR A 21 11.62 5.91 6.86
N TYR A 22 11.67 7.05 6.17
CA TYR A 22 12.29 7.13 4.83
C TYR A 22 13.50 8.05 4.84
N PRO A 23 14.68 7.50 4.60
CA PRO A 23 15.90 8.30 4.70
C PRO A 23 15.93 9.43 3.68
N GLN A 24 15.23 9.25 2.56
CA GLN A 24 15.28 10.20 1.45
C GLN A 24 14.29 11.35 1.63
N LEU A 25 13.48 11.28 2.68
CA LEU A 25 12.45 12.30 2.90
C LEU A 25 12.74 13.08 4.16
N THR A 26 12.51 14.40 4.15
CA THR A 26 12.70 15.19 5.34
C THR A 26 11.46 16.04 5.55
N TYR A 27 11.04 16.12 6.80
CA TYR A 27 9.85 16.88 7.14
C TYR A 27 10.32 18.16 7.83
N LEU A 28 9.79 19.30 7.43
CA LEU A 28 10.06 20.56 8.14
C LEU A 28 8.99 20.84 9.19
N PRO A 29 9.32 20.66 10.48
CA PRO A 29 8.34 20.76 11.55
C PRO A 29 7.43 22.00 11.44
N GLU A 30 6.15 21.76 11.70
CA GLU A 30 5.14 22.80 11.79
C GLU A 30 4.77 23.47 10.47
N THR A 31 5.23 22.94 9.33
CA THR A 31 4.95 23.60 8.05
C THR A 31 4.11 22.74 7.11
N GLY A 32 3.97 21.46 7.43
CA GLY A 32 3.32 20.53 6.49
C GLY A 32 4.17 20.19 5.28
N ILE A 33 5.39 20.71 5.21
CA ILE A 33 6.21 20.50 4.00
C ILE A 33 7.08 19.25 4.16
N LEU A 34 6.88 18.30 3.27
CA LEU A 34 7.73 17.11 3.23
C LEU A 34 8.51 17.20 1.93
N TYR A 35 9.83 17.02 1.98
CA TYR A 35 10.60 17.14 0.74
C TYR A 35 11.59 15.98 0.49
N ASP A 36 11.96 15.85 -0.77
CA ASP A 36 12.97 14.87 -1.19
C ASP A 36 14.29 15.53 -0.86
N ASN A 37 14.96 14.99 0.15
CA ASN A 37 16.21 15.58 0.61
C ASN A 37 17.35 15.18 -0.30
N THR A 38 17.08 14.35 -1.31
CA THR A 38 18.14 14.05 -2.28
C THR A 38 18.13 14.99 -3.49
N TYR A 39 17.13 15.87 -3.54
CA TYR A 39 16.92 16.73 -4.70
C TYR A 39 18.04 17.75 -4.67
N ASN A 40 18.75 17.89 -5.78
CA ASN A 40 19.84 18.85 -5.79
C ASN A 40 19.73 20.05 -6.74
N GLU A 41 18.51 20.39 -7.11
CA GLU A 41 18.26 21.58 -7.92
C GLU A 41 18.89 21.57 -9.31
N LYS A 42 19.18 20.38 -9.85
CA LYS A 42 19.72 20.26 -11.19
C LYS A 42 18.62 20.15 -12.24
N THR A 43 17.45 19.71 -11.80
CA THR A 43 16.33 19.61 -12.70
C THR A 43 15.20 20.49 -12.16
N VAL A 44 14.19 20.74 -12.98
CA VAL A 44 13.05 21.53 -12.58
C VAL A 44 12.22 20.79 -11.53
N PRO A 45 11.93 21.43 -10.38
CA PRO A 45 11.14 20.74 -9.35
C PRO A 45 9.63 20.79 -9.62
N ILE A 46 8.96 19.69 -9.30
CA ILE A 46 7.51 19.66 -9.42
C ILE A 46 7.01 19.52 -7.98
N ILE A 47 6.01 20.32 -7.60
CA ILE A 47 5.46 20.20 -6.24
C ILE A 47 3.95 20.11 -6.26
N SER A 48 3.37 19.64 -5.17
CA SER A 48 1.90 19.57 -5.08
C SER A 48 1.58 19.62 -3.61
N GLY A 49 0.32 19.41 -3.30
CA GLY A 49 -0.08 19.44 -1.92
C GLY A 49 -1.58 19.52 -1.82
N GLY A 50 -2.06 19.67 -0.60
CA GLY A 50 -3.50 19.56 -0.39
C GLY A 50 -3.79 19.13 1.01
N GLY A 51 -5.05 18.80 1.28
CA GLY A 51 -5.41 18.40 2.63
C GLY A 51 -4.76 17.07 2.97
N SER A 52 -4.66 16.80 4.25
CA SER A 52 -4.35 15.50 4.81
C SER A 52 -5.60 14.62 4.65
N GLY A 53 -5.45 13.30 4.76
CA GLY A 53 -6.59 12.39 4.73
C GLY A 53 -6.71 11.66 3.40
N HIS A 54 -5.78 11.92 2.48
CA HIS A 54 -5.78 11.27 1.18
C HIS A 54 -4.55 10.38 1.00
N GLU A 55 -3.76 10.23 2.05
CA GLU A 55 -2.53 9.43 1.99
C GLU A 55 -2.76 8.10 1.31
N PRO A 56 -1.85 7.71 0.41
CA PRO A 56 -0.55 8.32 0.16
C PRO A 56 -0.47 9.60 -0.70
N ALA A 57 -1.58 10.10 -1.24
CA ALA A 57 -1.55 11.44 -1.85
C ALA A 57 -1.37 12.49 -0.75
N HIS A 58 -0.32 13.30 -0.77
CA HIS A 58 0.67 13.42 -1.84
C HIS A 58 2.05 13.07 -1.29
N VAL A 59 2.13 12.76 0.01
CA VAL A 59 3.39 12.46 0.68
C VAL A 59 4.11 11.25 0.11
N GLY A 60 3.33 10.33 -0.42
CA GLY A 60 3.88 9.09 -0.97
C GLY A 60 4.34 9.30 -2.39
N TYR A 61 4.15 10.52 -2.91
CA TYR A 61 4.60 10.84 -4.25
C TYR A 61 5.77 11.83 -4.25
N VAL A 62 6.36 12.07 -3.07
CA VAL A 62 7.59 12.86 -2.95
C VAL A 62 8.81 11.98 -3.08
N GLY A 63 9.67 12.30 -4.02
CA GLY A 63 10.92 11.55 -4.13
C GLY A 63 11.52 11.76 -5.50
N SER A 64 12.69 11.18 -5.71
CA SER A 64 13.47 11.49 -6.91
C SER A 64 12.64 10.99 -8.08
N GLY A 65 12.44 11.82 -9.09
CA GLY A 65 11.66 11.42 -10.25
C GLY A 65 10.18 11.68 -10.10
N MET A 66 9.73 12.11 -8.93
CA MET A 66 8.34 12.55 -8.80
C MET A 66 8.32 13.93 -8.17
N LEU A 67 7.53 14.13 -7.11
CA LEU A 67 7.47 15.48 -6.54
C LEU A 67 8.74 15.78 -5.76
N ALA A 68 9.25 17.00 -5.92
CA ALA A 68 10.38 17.42 -5.09
C ALA A 68 9.93 17.76 -3.67
N ALA A 69 8.66 18.16 -3.53
CA ALA A 69 8.11 18.47 -2.22
C ALA A 69 6.60 18.37 -2.31
N ALA A 70 5.96 18.09 -1.18
CA ALA A 70 4.51 18.17 -1.07
C ALA A 70 4.16 18.90 0.21
N VAL A 71 3.07 19.65 0.18
CA VAL A 71 2.71 20.52 1.30
C VAL A 71 1.32 20.08 1.74
N THR A 72 1.23 19.63 2.98
CA THR A 72 0.02 18.95 3.43
C THR A 72 -0.62 19.82 4.50
N GLY A 73 -1.94 20.01 4.40
CA GLY A 73 -2.65 20.83 5.38
C GLY A 73 -3.38 19.96 6.38
N PRO A 74 -4.29 20.55 7.17
CA PRO A 74 -5.11 19.75 8.07
C PRO A 74 -6.01 18.77 7.34
N LEU A 75 -6.71 17.92 8.08
CA LEU A 75 -7.58 16.93 7.46
C LEU A 75 -8.52 17.66 6.50
N PHE A 76 -8.45 17.28 5.23
CA PHE A 76 -9.37 17.77 4.21
C PHE A 76 -9.36 19.28 4.03
N ILE A 77 -8.28 19.94 4.45
CA ILE A 77 -8.13 21.39 4.26
C ILE A 77 -6.75 21.64 3.63
N PRO A 78 -6.66 22.42 2.55
CA PRO A 78 -5.38 22.56 1.86
C PRO A 78 -4.44 23.36 2.75
N PRO A 79 -3.14 23.32 2.46
CA PRO A 79 -2.13 24.02 3.25
C PRO A 79 -2.30 25.52 3.06
N LYS A 80 -1.89 26.29 4.07
CA LYS A 80 -1.88 27.73 3.91
C LYS A 80 -0.88 28.17 2.84
N SER A 81 -1.21 29.26 2.15
CA SER A 81 -0.33 29.81 1.14
C SER A 81 1.07 30.10 1.66
N LYS A 82 1.23 30.58 2.89
CA LYS A 82 2.59 30.81 3.38
C LYS A 82 3.47 29.56 3.37
N ASN A 83 2.87 28.39 3.60
CA ASN A 83 3.66 27.15 3.57
C ASN A 83 3.93 26.65 2.16
N ILE A 84 2.95 26.84 1.29
CA ILE A 84 3.14 26.60 -0.12
C ILE A 84 4.27 27.48 -0.65
N LEU A 85 4.27 28.76 -0.24
CA LEU A 85 5.29 29.72 -0.69
C LEU A 85 6.67 29.29 -0.20
N LYS A 86 6.72 28.89 1.06
CA LYS A 86 7.95 28.40 1.64
C LYS A 86 8.49 27.21 0.82
N ALA A 87 7.61 26.30 0.45
CA ALA A 87 8.06 25.16 -0.33
C ALA A 87 8.56 25.57 -1.73
N ILE A 88 7.87 26.50 -2.37
CA ILE A 88 8.28 27.01 -3.68
C ILE A 88 9.66 27.65 -3.62
N ARG A 89 9.90 28.47 -2.60
CA ARG A 89 11.16 29.14 -2.45
C ARG A 89 12.29 28.14 -2.16
N GLN A 90 12.00 27.14 -1.36
CA GLN A 90 13.01 26.14 -1.06
C GLN A 90 13.50 25.35 -2.26
N VAL A 91 12.58 24.93 -3.13
CA VAL A 91 12.98 24.07 -4.26
C VAL A 91 13.46 24.90 -5.43
N ASN A 92 13.15 26.19 -5.39
CA ASN A 92 13.54 27.08 -6.48
C ASN A 92 15.05 27.27 -6.64
N SER A 93 15.54 27.19 -7.89
CA SER A 93 16.93 27.56 -8.16
C SER A 93 17.06 28.40 -9.42
N GLY A 94 15.94 28.96 -9.88
CA GLY A 94 15.99 29.83 -11.02
C GLY A 94 15.71 29.11 -12.34
N LYS A 95 15.29 27.84 -12.26
CA LYS A 95 14.93 27.07 -13.46
C LYS A 95 13.42 26.90 -13.64
N GLY A 96 12.63 27.55 -12.79
CA GLY A 96 11.18 27.35 -12.81
C GLY A 96 10.76 26.47 -11.64
N VAL A 97 9.51 26.61 -11.22
CA VAL A 97 8.92 25.62 -10.30
C VAL A 97 7.55 25.29 -10.90
N PHE A 98 7.23 24.00 -10.94
CA PHE A 98 5.96 23.54 -11.47
C PHE A 98 5.10 23.06 -10.31
N VAL A 99 3.85 23.53 -10.29
CA VAL A 99 2.91 23.21 -9.20
C VAL A 99 1.70 22.45 -9.76
N ILE A 100 1.36 21.31 -9.18
CA ILE A 100 0.13 20.60 -9.56
C ILE A 100 -0.93 20.87 -8.50
N ILE A 101 -2.07 21.41 -8.93
CA ILE A 101 -3.15 21.76 -8.00
C ILE A 101 -4.40 20.94 -8.35
N LYS A 102 -5.06 20.38 -7.35
CA LYS A 102 -6.34 19.72 -7.59
C LYS A 102 -7.45 20.76 -7.66
N ASN A 103 -8.42 20.55 -8.53
CA ASN A 103 -9.46 21.55 -8.76
C ASN A 103 -10.47 21.60 -7.61
N PHE A 104 -10.10 22.26 -6.51
CA PHE A 104 -11.04 22.51 -5.40
C PHE A 104 -10.88 23.97 -5.09
N GLU A 105 -11.98 24.63 -4.76
CA GLU A 105 -11.99 26.07 -4.60
C GLU A 105 -11.01 26.43 -3.48
N ALA A 106 -10.99 25.65 -2.40
CA ALA A 106 -10.13 25.93 -1.26
C ALA A 106 -8.66 25.84 -1.65
N ASP A 107 -8.31 24.82 -2.43
CA ASP A 107 -6.95 24.56 -2.87
C ASP A 107 -6.50 25.67 -3.82
N LEU A 108 -7.37 26.01 -4.77
CA LEU A 108 -7.04 27.07 -5.71
C LEU A 108 -6.77 28.38 -4.96
N LYS A 109 -7.58 28.68 -3.96
CA LYS A 109 -7.36 29.91 -3.26
C LYS A 109 -5.97 29.97 -2.65
N GLU A 110 -5.53 28.90 -1.99
CA GLU A 110 -4.27 28.94 -1.27
C GLU A 110 -3.09 28.87 -2.24
N PHE A 111 -3.20 28.00 -3.24
CA PHE A 111 -2.12 27.84 -4.23
C PHE A 111 -1.96 29.07 -5.11
N ASN A 112 -3.08 29.64 -5.57
CA ASN A 112 -3.06 30.89 -6.35
C ASN A 112 -2.37 32.02 -5.60
N GLU A 113 -2.65 32.15 -4.31
CA GLU A 113 -2.04 33.23 -3.56
C GLU A 113 -0.52 33.03 -3.48
N ALA A 114 -0.09 31.81 -3.23
CA ALA A 114 1.33 31.51 -3.13
C ALA A 114 2.05 31.63 -4.49
N ILE A 115 1.39 31.15 -5.55
CA ILE A 115 1.93 31.28 -6.90
C ILE A 115 2.11 32.73 -7.28
N LYS A 116 1.08 33.56 -7.03
CA LYS A 116 1.24 34.98 -7.34
C LYS A 116 2.40 35.60 -6.57
N GLU A 117 2.47 35.33 -5.28
CA GLU A 117 3.48 35.98 -4.44
C GLU A 117 4.87 35.54 -4.93
N ALA A 118 5.01 34.24 -5.17
CA ALA A 118 6.27 33.69 -5.67
C ALA A 118 6.72 34.39 -6.95
N ARG A 119 5.80 34.53 -7.89
CA ARG A 119 6.10 35.25 -9.13
C ARG A 119 6.53 36.69 -8.93
N THR A 120 5.84 37.41 -8.05
CA THR A 120 6.24 38.81 -7.82
C THR A 120 7.64 38.88 -7.25
N GLU A 121 8.10 37.79 -6.63
CA GLU A 121 9.46 37.68 -6.09
C GLU A 121 10.48 37.23 -7.13
N GLY A 122 10.04 36.95 -8.35
CA GLY A 122 10.99 36.67 -9.41
C GLY A 122 11.11 35.18 -9.69
N ILE A 123 10.30 34.36 -9.03
CA ILE A 123 10.35 32.94 -9.28
C ILE A 123 9.40 32.58 -10.42
N ASP A 124 9.90 31.83 -11.42
CA ASP A 124 9.07 31.45 -12.55
C ASP A 124 8.22 30.23 -12.16
N VAL A 125 6.98 30.46 -11.74
CA VAL A 125 6.12 29.35 -11.28
C VAL A 125 5.09 29.11 -12.36
N ARG A 126 4.94 27.85 -12.78
CA ARG A 126 3.88 27.46 -13.72
C ARG A 126 3.08 26.38 -13.01
N TYR A 127 1.90 26.10 -13.51
CA TYR A 127 1.02 25.18 -12.80
C TYR A 127 0.06 24.51 -13.76
N ILE A 128 -0.53 23.42 -13.30
CA ILE A 128 -1.63 22.79 -14.01
C ILE A 128 -2.65 22.49 -12.93
N VAL A 129 -3.92 22.60 -13.28
CA VAL A 129 -4.98 22.21 -12.35
C VAL A 129 -5.59 20.90 -12.81
N SER A 130 -5.56 19.91 -11.93
CA SER A 130 -6.09 18.59 -12.18
C SER A 130 -7.60 18.65 -12.06
N HIS A 131 -8.30 18.11 -13.05
CA HIS A 131 -9.76 18.17 -13.07
C HIS A 131 -10.36 16.92 -13.71
N ASP A 132 -9.86 15.73 -13.34
CA ASP A 132 -10.16 14.50 -14.09
C ASP A 132 -11.54 13.89 -13.81
N ASP A 133 -12.12 14.23 -12.66
CA ASP A 133 -13.41 13.66 -12.27
C ASP A 133 -14.47 13.97 -13.32
N ILE A 134 -15.12 12.93 -13.85
CA ILE A 134 -16.22 13.12 -14.79
C ILE A 134 -17.60 13.15 -14.17
N SER A 135 -17.69 13.12 -12.84
CA SER A 135 -19.00 12.99 -12.16
C SER A 135 -20.03 13.96 -12.68
N VAL A 136 -19.65 15.22 -12.90
CA VAL A 136 -20.68 16.22 -13.20
C VAL A 136 -21.29 16.01 -14.58
N ASN A 137 -20.50 15.49 -15.52
CA ASN A 137 -21.05 15.10 -16.81
C ASN A 137 -21.84 13.81 -16.78
N ALA A 138 -21.38 12.86 -15.98
CA ALA A 138 -21.97 11.53 -15.93
C ALA A 138 -23.37 11.65 -15.31
N TYR A 139 -23.51 12.59 -14.38
CA TYR A 139 -24.74 12.65 -13.58
C TYR A 139 -25.49 13.96 -13.76
N ASN A 140 -24.97 14.82 -14.63
CA ASN A 140 -25.68 16.00 -15.16
C ASN A 140 -25.82 17.14 -14.17
N PHE A 141 -24.72 17.49 -13.53
CA PHE A 141 -24.69 18.61 -12.59
C PHE A 141 -23.90 19.77 -13.14
N HIS A 142 -24.21 20.97 -12.66
CA HIS A 142 -23.45 22.15 -13.07
C HIS A 142 -22.52 22.57 -11.94
N LYS A 143 -21.53 21.73 -11.67
CA LYS A 143 -20.55 21.99 -10.64
C LYS A 143 -19.17 21.80 -11.26
N ARG A 144 -18.13 22.13 -10.51
CA ARG A 144 -16.76 21.96 -10.98
C ARG A 144 -16.29 20.50 -11.11
N HIS A 145 -15.31 20.29 -12.00
CA HIS A 145 -14.70 18.99 -12.19
C HIS A 145 -13.54 18.85 -11.24
N ARG A 146 -13.74 18.03 -10.21
CA ARG A 146 -12.77 17.82 -9.14
C ARG A 146 -11.50 17.17 -9.67
N GLY A 147 -10.38 17.55 -9.08
CA GLY A 147 -9.12 16.83 -9.31
C GLY A 147 -9.03 15.68 -8.32
N VAL A 148 -8.95 14.45 -8.82
CA VAL A 148 -9.00 13.29 -7.95
C VAL A 148 -7.87 12.31 -8.25
N ALA A 149 -8.10 10.99 -8.21
CA ALA A 149 -6.97 10.05 -8.26
C ALA A 149 -6.10 10.22 -9.50
N GLY A 150 -6.68 10.66 -10.61
CA GLY A 150 -5.88 10.75 -11.83
C GLY A 150 -4.81 11.82 -11.78
N THR A 151 -4.91 12.71 -10.81
CA THR A 151 -3.84 13.66 -10.53
C THR A 151 -2.46 13.02 -10.44
N ILE A 152 -2.38 11.79 -9.93
CA ILE A 152 -1.07 11.22 -9.70
C ILE A 152 -0.38 10.87 -11.02
N LEU A 153 -1.13 10.76 -12.11
CA LEU A 153 -0.49 10.60 -13.43
C LEU A 153 0.35 11.81 -13.82
N LEU A 154 -0.14 12.99 -13.46
CA LEU A 154 0.65 14.21 -13.68
C LEU A 154 1.92 14.16 -12.84
N HIS A 155 1.79 13.82 -11.56
CA HIS A 155 2.96 13.66 -10.70
C HIS A 155 3.99 12.78 -11.40
N LYS A 156 3.54 11.63 -11.94
CA LYS A 156 4.51 10.62 -12.36
C LYS A 156 5.10 11.02 -13.70
N ILE A 157 4.23 11.44 -14.63
CA ILE A 157 4.72 11.76 -15.98
C ILE A 157 5.54 13.06 -16.01
N LEU A 158 5.05 14.10 -15.35
CA LEU A 158 5.76 15.39 -15.31
C LEU A 158 7.05 15.23 -14.51
N GLY A 159 6.96 14.49 -13.41
CA GLY A 159 8.14 14.19 -12.58
C GLY A 159 9.25 13.49 -13.35
N ALA A 160 8.88 12.47 -14.15
CA ALA A 160 9.86 11.74 -14.97
C ALA A 160 10.46 12.65 -16.02
N PHE A 161 9.61 13.39 -16.72
CA PHE A 161 10.09 14.23 -17.80
C PHE A 161 11.07 15.31 -17.26
N ALA A 162 10.70 15.90 -16.14
CA ALA A 162 11.57 16.87 -15.45
C ALA A 162 12.91 16.26 -15.05
N LYS A 163 12.87 15.05 -14.49
CA LYS A 163 14.07 14.37 -14.01
C LYS A 163 14.99 14.08 -15.19
N GLU A 164 14.40 13.84 -16.35
CA GLU A 164 15.18 13.58 -17.56
C GLU A 164 15.62 14.84 -18.28
N GLY A 165 15.31 16.00 -17.71
CA GLY A 165 15.90 17.27 -18.16
C GLY A 165 14.95 18.28 -18.79
N GLY A 166 13.65 18.02 -18.74
CA GLY A 166 12.70 18.88 -19.44
C GLY A 166 12.75 20.28 -18.83
N SER A 167 12.67 21.30 -19.67
CA SER A 167 12.60 22.67 -19.18
C SER A 167 11.22 23.00 -18.62
N ILE A 168 11.11 24.09 -17.88
CA ILE A 168 9.82 24.48 -17.28
C ILE A 168 8.79 24.67 -18.40
N ASP A 169 9.23 25.24 -19.52
CA ASP A 169 8.35 25.46 -20.67
C ASP A 169 7.89 24.11 -21.22
N GLU A 170 8.81 23.18 -21.42
CA GLU A 170 8.45 21.87 -21.96
C GLU A 170 7.52 21.09 -21.02
N ILE A 171 7.74 21.25 -19.72
CA ILE A 171 6.94 20.55 -18.72
C ILE A 171 5.52 21.09 -18.73
N GLU A 172 5.37 22.41 -18.80
CA GLU A 172 4.06 23.01 -18.92
C GLU A 172 3.32 22.53 -20.17
N GLN A 173 4.02 22.43 -21.30
CA GLN A 173 3.38 21.96 -22.52
C GLN A 173 2.95 20.50 -22.39
N LEU A 174 3.79 19.68 -21.75
CA LEU A 174 3.42 18.28 -21.51
C LEU A 174 2.20 18.22 -20.59
N ALA A 175 2.18 19.04 -19.54
CA ALA A 175 1.04 19.01 -18.62
C ALA A 175 -0.24 19.36 -19.35
N LEU A 176 -0.15 20.29 -20.28
CA LEU A 176 -1.32 20.78 -21.00
C LEU A 176 -1.80 19.72 -21.98
N SER A 177 -0.86 18.90 -22.42
CA SER A 177 -1.24 17.81 -23.32
C SER A 177 -1.81 16.62 -22.53
N LEU A 178 -1.21 16.30 -21.40
CA LEU A 178 -1.64 15.17 -20.57
C LEU A 178 -2.97 15.42 -19.86
N SER A 179 -3.08 16.58 -19.22
CA SER A 179 -4.19 16.79 -18.28
C SER A 179 -5.58 16.46 -18.84
N PRO A 180 -5.92 17.00 -20.02
CA PRO A 180 -7.16 16.74 -20.76
C PRO A 180 -7.43 15.28 -21.08
N GLU A 181 -6.42 14.43 -21.00
CA GLU A 181 -6.61 13.04 -21.43
C GLU A 181 -7.08 12.17 -20.26
N ILE A 182 -7.02 12.73 -19.06
CA ILE A 182 -7.28 11.94 -17.85
C ILE A 182 -8.75 12.02 -17.39
N TYR A 183 -9.37 10.87 -17.18
CA TYR A 183 -10.79 10.79 -16.86
C TYR A 183 -11.01 9.83 -15.71
N THR A 184 -11.73 10.27 -14.68
CA THR A 184 -11.85 9.45 -13.48
C THR A 184 -13.31 9.45 -13.02
N LEU A 185 -13.80 8.31 -12.56
CA LEU A 185 -15.08 8.29 -11.87
C LEU A 185 -14.94 7.30 -10.71
N GLY A 186 -15.48 7.67 -9.56
CA GLY A 186 -15.42 6.78 -8.39
C GLY A 186 -16.77 6.57 -7.75
N VAL A 187 -16.86 5.59 -6.87
CA VAL A 187 -18.11 5.30 -6.14
C VAL A 187 -17.76 5.00 -4.69
N ALA A 188 -18.63 5.41 -3.76
CA ALA A 188 -18.44 5.10 -2.34
C ALA A 188 -19.32 3.92 -2.00
N LEU A 189 -18.74 2.98 -1.27
CA LEU A 189 -19.46 1.83 -0.73
C LEU A 189 -19.82 2.09 0.72
N ALA A 190 -19.13 3.04 1.34
CA ALA A 190 -19.41 3.41 2.72
C ALA A 190 -18.71 4.73 3.05
N PRO A 191 -19.35 5.58 3.86
CA PRO A 191 -18.89 6.94 4.06
C PRO A 191 -17.63 6.95 4.92
N VAL A 192 -17.05 8.12 5.12
CA VAL A 192 -15.94 8.26 6.07
C VAL A 192 -16.56 8.17 7.46
N HIS A 193 -15.93 7.42 8.36
CA HIS A 193 -16.35 7.40 9.76
C HIS A 193 -15.52 8.32 10.61
N PHE A 194 -16.20 9.17 11.35
CA PHE A 194 -15.52 10.04 12.30
C PHE A 194 -15.80 9.57 13.73
N PRO A 195 -15.10 10.18 14.70
CA PRO A 195 -15.30 9.91 16.13
C PRO A 195 -16.73 10.17 16.58
N HIS A 196 -17.14 9.51 17.66
CA HIS A 196 -18.49 9.69 18.20
C HIS A 196 -19.55 9.12 17.27
N GLN A 197 -19.19 8.11 16.48
CA GLN A 197 -20.18 7.37 15.71
C GLN A 197 -20.79 8.20 14.59
N LYS A 198 -20.09 9.25 14.18
CA LYS A 198 -20.54 10.12 13.10
C LYS A 198 -19.92 9.70 11.76
N THR A 199 -20.60 10.01 10.67
CA THR A 199 -20.12 9.69 9.34
C THR A 199 -20.27 10.89 8.42
N SER A 200 -19.54 10.89 7.30
CA SER A 200 -19.47 12.05 6.43
C SER A 200 -20.76 12.24 5.62
N PHE A 201 -21.53 11.16 5.47
CA PHE A 201 -22.89 11.22 4.94
C PHE A 201 -23.59 9.91 5.29
N VAL A 202 -24.92 9.87 5.18
CA VAL A 202 -25.61 8.63 5.46
C VAL A 202 -25.88 7.82 4.21
N LEU A 203 -25.59 6.54 4.30
CA LEU A 203 -25.71 5.65 3.15
C LEU A 203 -26.26 4.34 3.70
N ALA A 204 -27.42 3.93 3.20
CA ALA A 204 -27.99 2.64 3.60
C ALA A 204 -27.03 1.51 3.26
N GLU A 205 -27.16 0.36 3.92
CA GLU A 205 -26.21 -0.72 3.69
C GLU A 205 -26.33 -1.34 2.29
N ASP A 206 -27.54 -1.30 1.73
CA ASP A 206 -27.78 -1.78 0.37
C ASP A 206 -27.64 -0.69 -0.70
N GLU A 207 -27.00 0.42 -0.34
CA GLU A 207 -26.85 1.54 -1.26
C GLU A 207 -25.36 1.83 -1.54
N VAL A 208 -25.09 2.36 -2.73
CA VAL A 208 -23.76 2.93 -3.01
C VAL A 208 -23.92 4.35 -3.52
N SER A 209 -22.83 5.10 -3.57
CA SER A 209 -22.91 6.50 -3.93
C SER A 209 -21.94 6.82 -5.07
N PHE A 210 -22.46 6.93 -6.29
CA PHE A 210 -21.62 7.13 -7.45
C PHE A 210 -21.30 8.60 -7.59
N GLY A 211 -20.09 8.89 -8.06
CA GLY A 211 -19.75 10.24 -8.43
C GLY A 211 -19.13 10.94 -7.24
N ILE A 212 -18.18 10.28 -6.59
CA ILE A 212 -17.63 10.81 -5.35
C ILE A 212 -16.29 11.50 -5.57
N GLY A 213 -15.94 12.34 -4.62
CA GLY A 213 -14.66 13.02 -4.68
C GLY A 213 -13.78 12.40 -3.62
N ILE A 214 -13.12 13.22 -2.81
CA ILE A 214 -12.09 12.72 -1.91
C ILE A 214 -12.15 13.28 -0.49
N HIQ A 215 -13.04 14.22 -0.24
CA HIQ A 215 -13.18 14.78 1.11
C HIQ A 215 -14.42 14.24 1.76
O HIQ A 215 -14.99 14.88 2.64
CB HIQ A 215 -13.30 16.30 0.98
CG HIQ A 215 -12.12 16.92 0.26
ND1 HIQ A 215 -12.06 17.19 -1.05
CD2 HIQ A 215 -10.90 17.33 0.81
CE1 HIQ A 215 -10.85 17.73 -1.36
NE2 HIQ A 215 -10.19 17.80 -0.20
O1 HIQ A 215 -9.60 20.62 -0.65
O2 HIQ A 215 -8.00 17.81 0.97
O3 HIQ A 215 -6.70 18.84 -1.18
C1 HIQ A 215 -8.94 19.85 0.35
C2 HIQ A 215 -8.80 18.39 -0.06
C3 HIQ A 215 -7.99 18.25 -1.34
N GLY A 216 -14.84 13.06 1.33
CA GLY A 216 -15.94 12.35 1.99
C GLY A 216 -17.34 12.91 1.82
N GLU A 217 -17.53 13.85 0.89
CA GLU A 217 -18.87 14.37 0.64
C GLU A 217 -19.69 13.31 -0.11
N PRO A 218 -21.01 13.31 0.05
CA PRO A 218 -21.76 12.28 -0.66
C PRO A 218 -21.58 12.44 -2.18
N GLY A 219 -21.69 11.35 -2.92
CA GLY A 219 -21.53 11.43 -4.36
C GLY A 219 -22.80 11.97 -4.99
N TYR A 220 -22.80 12.04 -6.32
CA TYR A 220 -23.81 12.78 -7.04
C TYR A 220 -25.06 11.93 -7.27
N ARG A 221 -24.89 10.61 -7.25
CA ARG A 221 -26.00 9.69 -7.50
C ARG A 221 -25.98 8.44 -6.61
N VAL A 222 -26.99 8.31 -5.77
CA VAL A 222 -27.19 7.09 -4.99
C VAL A 222 -27.90 6.02 -5.79
N GLU A 223 -27.38 4.79 -5.72
CA GLU A 223 -28.03 3.65 -6.37
C GLU A 223 -28.06 2.44 -5.47
N LYS A 224 -28.99 1.52 -5.73
CA LYS A 224 -28.97 0.24 -5.04
C LYS A 224 -27.75 -0.56 -5.41
N PHE A 225 -27.15 -1.20 -4.41
CA PHE A 225 -26.04 -2.09 -4.62
C PHE A 225 -26.51 -3.39 -5.27
N GLU A 226 -25.89 -3.78 -6.37
CA GLU A 226 -26.33 -4.95 -7.13
C GLU A 226 -25.14 -5.85 -7.44
N GLY A 227 -24.05 -5.64 -6.71
CA GLY A 227 -22.86 -6.48 -6.78
C GLY A 227 -21.72 -5.77 -7.47
N SER A 228 -20.51 -6.28 -7.32
CA SER A 228 -19.35 -5.55 -7.80
C SER A 228 -19.36 -5.47 -9.32
N GLU A 229 -19.85 -6.52 -9.98
CA GLU A 229 -19.85 -6.53 -11.43
C GLU A 229 -20.68 -5.38 -11.98
N ARG A 230 -21.86 -5.19 -11.40
CA ARG A 230 -22.75 -4.11 -11.82
C ARG A 230 -22.12 -2.74 -11.57
N ILE A 231 -21.38 -2.62 -10.47
CA ILE A 231 -20.65 -1.39 -10.20
C ILE A 231 -19.59 -1.08 -11.23
N ALA A 232 -18.79 -2.08 -11.61
CA ALA A 232 -17.81 -1.90 -12.68
C ALA A 232 -18.46 -1.50 -14.00
N ILE A 233 -19.55 -2.17 -14.37
CA ILE A 233 -20.30 -1.81 -15.56
C ILE A 233 -20.71 -0.35 -15.58
N GLU A 234 -21.21 0.15 -14.45
CA GLU A 234 -21.62 1.55 -14.37
C GLU A 234 -20.49 2.52 -14.56
N LEU A 235 -19.39 2.29 -13.86
CA LEU A 235 -18.21 3.15 -13.99
C LEU A 235 -17.72 3.14 -15.43
N VAL A 236 -17.60 1.96 -16.02
CA VAL A 236 -17.09 1.84 -17.38
C VAL A 236 -18.02 2.49 -18.38
N ASN A 237 -19.33 2.27 -18.20
CA ASN A 237 -20.33 2.90 -19.03
C ASN A 237 -20.24 4.42 -19.03
N LYS A 238 -20.10 5.02 -17.84
CA LYS A 238 -19.98 6.47 -17.77
C LYS A 238 -18.67 6.97 -18.35
N LEU A 239 -17.60 6.25 -18.11
CA LEU A 239 -16.31 6.64 -18.70
C LEU A 239 -16.38 6.58 -20.23
N LYS A 240 -16.99 5.52 -20.73
CA LYS A 240 -17.15 5.39 -22.16
C LYS A 240 -17.85 6.62 -22.73
N ALA A 241 -18.90 7.05 -22.04
CA ALA A 241 -19.71 8.15 -22.56
C ALA A 241 -18.92 9.45 -22.65
N GLU A 242 -17.89 9.61 -21.84
CA GLU A 242 -17.06 10.81 -21.91
C GLU A 242 -15.87 10.65 -22.87
N ILE A 243 -15.30 9.46 -22.88
CA ILE A 243 -14.08 9.23 -23.64
C ILE A 243 -14.42 8.88 -25.09
N ASN A 244 -15.50 8.12 -25.28
CA ASN A 244 -15.89 7.65 -26.61
C ASN A 244 -14.78 6.90 -27.34
N TRP A 245 -14.22 5.93 -26.64
CA TRP A 245 -13.04 5.22 -27.13
C TRP A 245 -13.33 4.47 -28.41
N GLN A 246 -14.58 4.09 -28.60
CA GLN A 246 -14.98 3.35 -29.78
C GLN A 246 -14.78 4.15 -31.08
N LYS A 247 -14.69 5.46 -30.96
CA LYS A 247 -14.59 6.34 -32.12
C LYS A 247 -13.15 6.78 -32.37
N LYS A 248 -12.26 6.48 -31.43
CA LYS A 248 -10.86 6.85 -31.56
C LYS A 248 -10.00 5.69 -32.05
N ALA A 249 -9.12 5.95 -33.01
CA ALA A 249 -8.30 4.89 -33.59
C ALA A 249 -7.29 4.30 -32.59
N ASN A 250 -6.82 5.13 -31.68
CA ASN A 250 -5.87 4.70 -30.68
C ASN A 250 -6.61 4.00 -29.54
N LYS A 251 -6.36 2.71 -29.40
CA LYS A 251 -7.11 1.88 -28.44
C LYS A 251 -6.32 1.66 -27.14
N ASN A 252 -5.19 2.36 -26.99
CA ASN A 252 -4.27 2.11 -25.88
C ASN A 252 -4.51 3.07 -24.72
N TYR A 253 -4.64 2.51 -23.52
CA TYR A 253 -5.02 3.24 -22.31
C TYR A 253 -4.12 2.90 -21.13
N ILE A 254 -3.96 3.89 -20.25
CA ILE A 254 -3.42 3.73 -18.91
C ILE A 254 -4.60 3.63 -17.96
N LEU A 255 -4.51 2.73 -16.98
CA LEU A 255 -5.61 2.52 -16.06
C LEU A 255 -5.16 2.62 -14.62
N LEU A 256 -5.89 3.39 -13.79
CA LEU A 256 -5.67 3.31 -12.35
C LEU A 256 -6.91 2.74 -11.67
N VAL A 257 -6.70 1.74 -10.82
CA VAL A 257 -7.76 1.27 -9.93
C VAL A 257 -7.44 1.68 -8.51
N ASN A 258 -8.18 2.66 -8.01
CA ASN A 258 -7.87 3.35 -6.76
C ASN A 258 -8.84 2.98 -5.63
N GLY A 259 -8.31 2.48 -4.51
CA GLY A 259 -9.18 2.24 -3.36
C GLY A 259 -9.25 3.51 -2.52
N LEU A 260 -10.43 3.84 -2.00
CA LEU A 260 -10.59 5.10 -1.27
C LEU A 260 -10.27 5.01 0.21
N GLY A 261 -9.90 3.83 0.68
CA GLY A 261 -9.40 3.74 2.05
C GLY A 261 -9.56 2.38 2.68
N SER A 262 -10.80 1.93 2.89
CA SER A 262 -10.99 0.69 3.61
C SER A 262 -11.44 -0.48 2.72
N THR A 263 -11.51 -0.26 1.42
CA THR A 263 -11.70 -1.35 0.45
C THR A 263 -10.44 -2.20 0.46
N THR A 264 -10.60 -3.51 0.60
CA THR A 264 -9.42 -4.37 0.77
C THR A 264 -8.65 -4.55 -0.54
N LEU A 265 -7.38 -4.93 -0.42
CA LEU A 265 -6.61 -5.25 -1.60
C LEU A 265 -7.23 -6.37 -2.39
N MET A 266 -7.82 -7.35 -1.73
CA MET A 266 -8.42 -8.43 -2.51
C MET A 266 -9.62 -7.97 -3.35
N GLU A 267 -10.41 -7.06 -2.77
CA GLU A 267 -11.48 -6.39 -3.52
C GLU A 267 -10.91 -5.59 -4.68
N LEU A 268 -9.87 -4.80 -4.43
CA LEU A 268 -9.30 -3.97 -5.48
C LEU A 268 -8.79 -4.82 -6.65
N TYR A 269 -8.05 -5.89 -6.37
CA TYR A 269 -7.53 -6.69 -7.47
C TYR A 269 -8.63 -7.48 -8.17
N SER A 270 -9.65 -7.91 -7.42
CA SER A 270 -10.80 -8.57 -8.04
C SER A 270 -11.53 -7.60 -8.96
N PHE A 271 -11.67 -6.37 -8.51
CA PHE A 271 -12.38 -5.35 -9.27
C PHE A 271 -11.54 -5.04 -10.50
N GLN A 272 -10.23 -4.95 -10.32
CA GLN A 272 -9.39 -4.69 -11.51
C GLN A 272 -9.47 -5.81 -12.55
N TYR A 273 -9.57 -7.05 -12.10
CA TYR A 273 -9.76 -8.14 -13.04
C TYR A 273 -11.01 -7.83 -13.87
N ASP A 274 -12.10 -7.51 -13.18
CA ASP A 274 -13.39 -7.28 -13.81
C ASP A 274 -13.22 -6.17 -14.85
N VAL A 275 -12.68 -5.04 -14.44
CA VAL A 275 -12.52 -3.87 -15.31
C VAL A 275 -11.59 -4.15 -16.49
N MET A 276 -10.49 -4.84 -16.25
CA MET A 276 -9.57 -5.24 -17.32
C MET A 276 -10.30 -6.12 -18.35
N ARG A 277 -11.12 -7.05 -17.89
CA ARG A 277 -11.91 -7.82 -18.83
C ARG A 277 -12.93 -7.02 -19.61
N LEU A 278 -13.60 -6.08 -18.93
CA LEU A 278 -14.55 -5.19 -19.60
C LEU A 278 -13.88 -4.35 -20.68
N LEU A 279 -12.73 -3.79 -20.38
CA LEU A 279 -12.00 -2.98 -21.35
C LEU A 279 -11.49 -3.82 -22.53
N GLU A 280 -10.99 -5.01 -22.23
CA GLU A 280 -10.60 -5.93 -23.31
C GLU A 280 -11.79 -6.20 -24.22
N LEU A 281 -12.96 -6.32 -23.62
CA LEU A 281 -14.14 -6.68 -24.40
C LEU A 281 -14.63 -5.46 -25.16
N GLU A 282 -14.14 -4.29 -24.76
CA GLU A 282 -14.36 -3.05 -25.49
C GLU A 282 -13.36 -2.88 -26.64
N GLY A 283 -12.41 -3.81 -26.75
CA GLY A 283 -11.39 -3.75 -27.78
C GLY A 283 -10.21 -2.84 -27.46
N LEU A 284 -10.01 -2.55 -26.18
CA LEU A 284 -8.93 -1.66 -25.73
C LEU A 284 -7.74 -2.43 -25.18
N SER A 285 -6.56 -1.82 -25.25
CA SER A 285 -5.37 -2.40 -24.66
C SER A 285 -4.94 -1.51 -23.52
N VAL A 286 -4.87 -2.09 -22.33
CA VAL A 286 -4.40 -1.31 -21.18
C VAL A 286 -2.91 -1.62 -21.12
N LYS A 287 -2.10 -0.57 -21.34
CA LYS A 287 -0.67 -0.70 -21.53
C LYS A 287 0.05 -0.41 -20.21
N PHE A 288 -0.65 0.19 -19.27
CA PHE A 288 -0.10 0.38 -17.92
C PHE A 288 -1.24 0.36 -16.92
N CYS A 289 -1.06 -0.36 -15.81
CA CYS A 289 -2.09 -0.48 -14.77
C CYS A 289 -1.42 -0.20 -13.41
N LYS A 290 -2.07 0.57 -12.55
CA LYS A 290 -1.64 0.67 -11.14
C LYS A 290 -2.86 0.52 -10.25
N VAL A 291 -2.72 -0.32 -9.24
CA VAL A 291 -3.85 -0.68 -8.38
C VAL A 291 -3.40 -0.48 -6.95
N GLY A 292 -4.21 0.16 -6.13
CA GLY A 292 -3.83 0.27 -4.71
C GLY A 292 -4.62 1.39 -4.07
N ASN A 293 -4.28 1.74 -2.83
CA ASN A 293 -4.80 2.97 -2.26
C ASN A 293 -3.90 4.08 -2.79
N LEU A 294 -4.35 4.81 -3.80
CA LEU A 294 -3.46 5.75 -4.49
C LEU A 294 -3.78 7.19 -4.06
N MET A 295 -5.06 7.44 -3.81
CA MET A 295 -5.54 8.70 -3.30
C MET A 295 -6.81 8.41 -2.53
N THR A 296 -6.74 8.54 -1.21
CA THR A 296 -7.82 8.05 -0.38
C THR A 296 -8.70 9.13 0.21
N SER A 297 -9.70 8.73 1.00
CA SER A 297 -10.48 9.67 1.79
C SER A 297 -10.68 9.05 3.15
N CYS A 298 -9.71 9.25 4.05
CA CYS A 298 -9.69 8.58 5.34
C CYS A 298 -10.01 7.10 5.22
N ASP A 299 -11.03 6.62 5.93
CA ASP A 299 -11.39 5.21 5.87
C ASP A 299 -12.61 4.89 5.00
N MET A 300 -12.90 5.72 4.02
CA MET A 300 -14.02 5.47 3.11
C MET A 300 -13.79 4.13 2.43
N SER A 301 -14.83 3.32 2.25
CA SER A 301 -14.75 2.23 1.29
C SER A 301 -15.28 2.69 -0.06
N GLY A 302 -14.51 2.44 -1.12
CA GLY A 302 -14.93 2.78 -2.46
C GLY A 302 -13.77 2.63 -3.40
N ILE A 303 -14.03 2.90 -4.67
CA ILE A 303 -13.08 2.64 -5.72
C ILE A 303 -13.28 3.76 -6.73
N SER A 304 -12.19 4.25 -7.31
CA SER A 304 -12.29 5.09 -8.49
C SER A 304 -11.49 4.44 -9.60
N LEU A 305 -11.94 4.64 -10.83
CA LEU A 305 -11.22 4.15 -12.00
C LEU A 305 -10.76 5.37 -12.74
N THR A 306 -9.48 5.40 -13.12
CA THR A 306 -8.98 6.44 -14.03
C THR A 306 -8.52 5.82 -15.32
N LEU A 307 -8.92 6.40 -16.46
CA LEU A 307 -8.40 6.00 -17.77
C LEU A 307 -7.71 7.17 -18.43
N CYS A 308 -6.62 6.92 -19.14
CA CYS A 308 -5.91 8.00 -19.82
C CYS A 308 -5.41 7.42 -21.14
N SER A 309 -5.82 8.00 -22.27
CA SER A 309 -5.28 7.55 -23.57
C SER A 309 -3.76 7.64 -23.55
N VAL A 310 -3.12 6.62 -24.10
CA VAL A 310 -1.69 6.72 -24.34
C VAL A 310 -1.45 7.56 -25.60
N LYS A 311 -1.58 8.87 -25.46
CA LYS A 311 -1.54 9.79 -26.60
C LYS A 311 -0.15 9.78 -27.23
N ASP A 312 0.86 9.66 -26.39
CA ASP A 312 2.26 9.66 -26.82
C ASP A 312 2.86 8.41 -26.22
N PRO A 313 3.40 7.52 -27.06
CA PRO A 313 4.05 6.33 -26.55
C PRO A 313 5.09 6.64 -25.47
N LYS A 314 5.72 7.80 -25.55
CA LYS A 314 6.70 8.19 -24.54
C LYS A 314 6.10 8.21 -23.15
N TRP A 315 4.82 8.54 -23.04
CA TRP A 315 4.19 8.54 -21.73
C TRP A 315 4.35 7.23 -21.00
N LEU A 316 4.39 6.11 -21.73
CA LEU A 316 4.56 4.83 -21.07
C LEU A 316 6.00 4.70 -20.54
N ASP A 317 6.93 5.30 -21.26
CA ASP A 317 8.30 5.39 -20.77
C ASP A 317 8.31 6.20 -19.47
N TYR A 318 7.70 7.37 -19.47
CA TYR A 318 7.68 8.15 -18.24
C TYR A 318 7.00 7.44 -17.09
N LEU A 319 5.94 6.66 -17.36
CA LEU A 319 5.26 5.96 -16.29
C LEU A 319 6.15 4.88 -15.70
N ASN A 320 7.02 4.32 -16.53
CA ASN A 320 7.84 3.18 -16.14
C ASN A 320 9.19 3.51 -15.53
N VAL A 321 9.56 4.79 -15.53
CA VAL A 321 10.78 5.28 -14.91
C VAL A 321 10.74 5.08 -13.39
N PRO A 322 11.83 4.54 -12.79
CA PRO A 322 11.88 4.40 -11.33
C PRO A 322 11.90 5.74 -10.59
N THR A 323 11.25 5.80 -9.42
CA THR A 323 11.30 6.98 -8.57
C THR A 323 11.64 6.57 -7.15
N GLY A 324 11.92 7.55 -6.29
CA GLY A 324 12.17 7.24 -4.90
C GLY A 324 10.97 7.54 -4.03
N ALA A 325 9.79 7.68 -4.65
CA ALA A 325 8.59 8.04 -3.90
C ALA A 325 7.93 6.81 -3.32
N PHE A 326 7.55 6.80 -2.04
CA PHE A 326 7.23 5.51 -1.43
C PHE A 326 6.04 4.73 -2.02
N ALA A 327 5.10 5.48 -2.57
CA ALA A 327 3.87 4.88 -3.08
C ALA A 327 3.94 4.67 -4.60
N TRP A 328 5.10 4.95 -5.20
CA TRP A 328 5.30 4.56 -6.59
C TRP A 328 6.73 4.21 -6.94
N LEU A 329 7.22 3.10 -6.37
CA LEU A 329 8.63 2.70 -6.55
C LEU A 329 8.78 1.73 -7.73
N GLU A 330 7.66 1.32 -8.29
CA GLU A 330 7.56 0.36 -9.39
C GLU A 330 8.31 0.84 -10.65
N HIS A 331 8.92 -0.08 -11.37
CA HIS A 331 9.46 0.23 -12.70
C HIS A 331 9.64 -0.99 -13.59
N HIS A 332 9.75 -0.72 -14.90
CA HIS A 332 10.31 -1.64 -15.91
C HIS A 332 11.43 -2.53 -15.36
N GLU B 2 -16.92 -6.22 1.96
CA GLU B 2 -18.22 -6.12 1.23
C GLU B 2 -18.26 -6.77 -0.17
N PHE B 3 -17.10 -7.19 -0.68
CA PHE B 3 -17.04 -8.34 -1.57
C PHE B 3 -15.73 -9.13 -1.47
N TYR B 4 -15.52 -9.73 -0.30
CA TYR B 4 -14.30 -10.47 0.00
C TYR B 4 -14.20 -11.76 -0.84
N ASN B 5 -12.98 -12.27 -0.98
CA ASN B 5 -12.73 -13.55 -1.64
C ASN B 5 -13.62 -14.65 -1.06
N SER B 6 -13.92 -15.65 -1.87
CA SER B 6 -14.71 -16.76 -1.37
C SER B 6 -13.98 -17.57 -0.30
N THR B 7 -14.80 -18.08 0.60
CA THR B 7 -14.39 -18.91 1.69
C THR B 7 -14.27 -20.38 1.27
N ASN B 8 -14.84 -20.73 0.12
CA ASN B 8 -14.69 -22.11 -0.27
C ASN B 8 -13.90 -22.29 -1.54
N GLU B 9 -13.32 -21.21 -2.05
CA GLU B 9 -12.55 -21.33 -3.26
C GLU B 9 -11.37 -20.39 -3.29
N ILE B 10 -10.34 -20.83 -3.99
CA ILE B 10 -9.21 -19.97 -4.31
C ILE B 10 -9.73 -18.69 -4.96
N PRO B 11 -9.16 -17.53 -4.59
CA PRO B 11 -9.62 -16.24 -5.08
C PRO B 11 -9.07 -15.98 -6.49
N GLU B 12 -9.63 -16.68 -7.45
CA GLU B 12 -9.08 -16.75 -8.77
C GLU B 12 -9.06 -15.39 -9.48
N GLU B 13 -10.11 -14.60 -9.33
CA GLU B 13 -10.14 -13.27 -9.92
C GLU B 13 -9.13 -12.32 -9.35
N MET B 14 -8.94 -12.35 -8.02
CA MET B 14 -8.01 -11.46 -7.39
C MET B 14 -6.63 -11.83 -7.92
N LEU B 15 -6.33 -13.13 -7.97
CA LEU B 15 -5.00 -13.57 -8.38
C LEU B 15 -4.74 -13.26 -9.86
N LYS B 16 -5.74 -13.47 -10.70
CA LYS B 16 -5.57 -13.11 -12.10
C LYS B 16 -5.43 -11.60 -12.27
N GLY B 17 -6.15 -10.82 -11.46
CA GLY B 17 -6.01 -9.37 -11.51
C GLY B 17 -4.60 -8.91 -11.16
N ILE B 18 -4.01 -9.57 -10.17
CA ILE B 18 -2.59 -9.35 -9.87
C ILE B 18 -1.69 -9.65 -11.08
N ASP B 19 -1.88 -10.81 -11.68
CA ASP B 19 -1.14 -11.24 -12.88
C ASP B 19 -1.28 -10.21 -14.02
N LEU B 20 -2.48 -9.69 -14.21
CA LEU B 20 -2.73 -8.68 -15.24
C LEU B 20 -2.07 -7.33 -14.93
N THR B 21 -1.83 -7.07 -13.65
CA THR B 21 -1.29 -5.80 -13.22
C THR B 21 0.24 -5.76 -13.35
N TYR B 22 0.91 -6.87 -13.02
CA TYR B 22 2.38 -6.89 -12.89
C TYR B 22 3.00 -7.82 -13.90
N PRO B 23 3.83 -7.29 -14.80
CA PRO B 23 4.41 -8.09 -15.87
C PRO B 23 5.25 -9.23 -15.30
N GLN B 24 5.79 -9.05 -14.10
CA GLN B 24 6.77 -10.00 -13.56
C GLN B 24 6.11 -11.15 -12.81
N LEU B 25 4.77 -11.10 -12.70
CA LEU B 25 4.03 -12.08 -11.92
C LEU B 25 3.14 -12.88 -12.84
N THR B 26 3.14 -14.21 -12.69
CA THR B 26 2.25 -15.04 -13.50
C THR B 26 1.39 -15.86 -12.57
N TYR B 27 0.10 -15.96 -12.89
CA TYR B 27 -0.83 -16.70 -12.07
C TYR B 27 -1.12 -18.00 -12.82
N LEU B 28 -1.08 -19.12 -12.11
CA LEU B 28 -1.40 -20.42 -12.71
C LEU B 28 -2.83 -20.81 -12.37
N PRO B 29 -3.72 -20.79 -13.37
CA PRO B 29 -5.13 -20.78 -13.05
C PRO B 29 -5.54 -22.04 -12.27
N GLU B 30 -6.50 -21.87 -11.37
CA GLU B 30 -7.08 -22.96 -10.58
C GLU B 30 -6.11 -23.60 -9.60
N THR B 31 -4.95 -23.00 -9.38
CA THR B 31 -4.01 -23.53 -8.39
C THR B 31 -3.71 -22.61 -7.21
N GLY B 32 -3.97 -21.32 -7.36
CA GLY B 32 -3.62 -20.40 -6.26
C GLY B 32 -2.14 -20.02 -6.30
N ILE B 33 -1.42 -20.52 -7.29
CA ILE B 33 0.02 -20.26 -7.31
C ILE B 33 0.31 -19.03 -8.14
N LEU B 34 0.95 -18.05 -7.51
CA LEU B 34 1.43 -16.88 -8.22
C LEU B 34 2.96 -16.93 -8.15
N TYR B 35 3.61 -16.79 -9.30
CA TYR B 35 5.06 -16.91 -9.33
C TYR B 35 5.75 -15.74 -10.02
N ASP B 36 6.99 -15.52 -9.59
CA ASP B 36 7.89 -14.61 -10.26
C ASP B 36 8.41 -15.19 -11.58
N ASN B 37 7.93 -14.64 -12.69
CA ASN B 37 8.14 -15.27 -13.99
C ASN B 37 9.53 -14.88 -14.54
N THR B 38 10.24 -14.09 -13.75
CA THR B 38 11.57 -13.61 -14.03
C THR B 38 12.61 -14.58 -13.43
N TYR B 39 12.17 -15.43 -12.52
CA TYR B 39 13.07 -16.34 -11.82
C TYR B 39 13.63 -17.45 -12.71
N ASN B 40 14.95 -17.63 -12.64
CA ASN B 40 15.72 -18.39 -13.63
C ASN B 40 16.27 -19.71 -13.11
N GLU B 41 15.87 -20.11 -11.90
CA GLU B 41 16.41 -21.31 -11.26
C GLU B 41 17.90 -21.27 -10.97
N LYS B 42 18.51 -20.09 -11.02
CA LYS B 42 19.95 -19.99 -10.75
C LYS B 42 20.29 -19.85 -9.26
N THR B 43 19.28 -19.55 -8.46
CA THR B 43 19.48 -19.35 -7.03
C THR B 43 18.45 -20.24 -6.32
N VAL B 44 18.63 -20.45 -5.03
CA VAL B 44 17.69 -21.25 -4.26
C VAL B 44 16.38 -20.50 -4.11
N PRO B 45 15.25 -21.16 -4.46
CA PRO B 45 14.00 -20.47 -4.37
C PRO B 45 13.39 -20.54 -2.98
N ILE B 46 12.76 -19.45 -2.59
CA ILE B 46 11.98 -19.44 -1.36
C ILE B 46 10.51 -19.29 -1.71
N ILE B 47 9.65 -20.06 -1.06
CA ILE B 47 8.22 -19.93 -1.29
C ILE B 47 7.45 -19.84 0.01
N SER B 48 6.23 -19.34 -0.06
CA SER B 48 5.38 -19.30 1.12
C SER B 48 3.93 -19.38 0.66
N GLY B 49 3.00 -19.21 1.57
CA GLY B 49 1.59 -19.24 1.21
C GLY B 49 0.72 -19.31 2.45
N GLY B 50 -0.59 -19.37 2.26
CA GLY B 50 -1.50 -19.33 3.39
C GLY B 50 -2.84 -18.89 2.87
N GLY B 51 -3.77 -18.59 3.77
CA GLY B 51 -5.11 -18.25 3.32
C GLY B 51 -5.06 -16.93 2.59
N SER B 52 -6.07 -16.67 1.77
CA SER B 52 -6.29 -15.32 1.26
C SER B 52 -6.88 -14.47 2.40
N GLY B 53 -6.97 -13.17 2.19
CA GLY B 53 -7.50 -12.29 3.22
C GLY B 53 -6.47 -11.54 4.03
N HIS B 54 -5.20 -11.78 3.73
CA HIS B 54 -4.08 -11.12 4.42
C HIS B 54 -3.27 -10.24 3.45
N GLU B 55 -3.78 -10.04 2.24
CA GLU B 55 -3.01 -9.31 1.23
C GLU B 55 -2.54 -7.96 1.77
N PRO B 56 -1.30 -7.56 1.45
CA PRO B 56 -0.37 -8.15 0.49
C PRO B 56 0.35 -9.44 0.88
N ALA B 57 0.19 -9.94 2.10
CA ALA B 57 0.73 -11.28 2.37
C ALA B 57 -0.08 -12.35 1.63
N HIS B 58 0.56 -13.21 0.86
CA HIS B 58 1.98 -13.19 0.57
C HIS B 58 2.20 -12.85 -0.92
N VAL B 59 1.13 -12.55 -1.65
CA VAL B 59 1.21 -12.25 -3.08
C VAL B 59 2.07 -11.00 -3.35
N GLY B 60 2.16 -10.12 -2.36
CA GLY B 60 2.88 -8.87 -2.55
C GLY B 60 4.36 -9.04 -2.29
N TYR B 61 4.74 -10.25 -1.89
CA TYR B 61 6.14 -10.56 -1.56
C TYR B 61 6.76 -11.53 -2.55
N VAL B 62 6.06 -11.80 -3.64
CA VAL B 62 6.60 -12.59 -4.74
C VAL B 62 7.32 -11.69 -5.74
N GLY B 63 8.58 -12.03 -5.99
CA GLY B 63 9.35 -11.20 -6.90
C GLY B 63 10.84 -11.47 -6.75
N SER B 64 11.61 -10.96 -7.70
CA SER B 64 13.03 -11.18 -7.70
C SER B 64 13.59 -10.65 -6.38
N GLY B 65 14.34 -11.48 -5.66
CA GLY B 65 14.95 -11.07 -4.40
C GLY B 65 14.12 -11.44 -3.19
N MET B 66 12.92 -11.96 -3.42
CA MET B 66 12.02 -12.27 -2.35
C MET B 66 11.45 -13.66 -2.62
N LEU B 67 10.15 -13.86 -2.54
CA LEU B 67 9.60 -15.19 -2.81
C LEU B 67 9.62 -15.51 -4.30
N ALA B 68 9.94 -16.76 -4.65
CA ALA B 68 9.83 -17.18 -6.04
C ALA B 68 8.39 -17.53 -6.43
N ALA B 69 7.58 -17.85 -5.44
CA ALA B 69 6.17 -18.15 -5.59
C ALA B 69 5.51 -18.06 -4.23
N ALA B 70 4.22 -17.76 -4.29
CA ALA B 70 3.34 -17.85 -3.13
C ALA B 70 2.10 -18.63 -3.54
N VAL B 71 1.61 -19.48 -2.64
CA VAL B 71 0.43 -20.29 -2.92
C VAL B 71 -0.68 -19.81 -1.96
N THR B 72 -1.79 -19.33 -2.52
CA THR B 72 -2.84 -18.70 -1.75
C THR B 72 -4.08 -19.61 -1.74
N GLY B 73 -4.68 -19.81 -0.57
CA GLY B 73 -5.90 -20.59 -0.45
C GLY B 73 -7.16 -19.72 -0.44
N PRO B 74 -8.32 -20.31 -0.15
CA PRO B 74 -9.55 -19.53 0.04
C PRO B 74 -9.39 -18.59 1.22
N LEU B 75 -10.42 -17.78 1.47
CA LEU B 75 -10.30 -16.79 2.53
C LEU B 75 -10.00 -17.47 3.86
N PHE B 76 -8.89 -17.12 4.49
CA PHE B 76 -8.50 -17.64 5.81
C PHE B 76 -8.29 -19.15 5.85
N ILE B 77 -8.09 -19.78 4.70
CA ILE B 77 -7.88 -21.23 4.64
C ILE B 77 -6.61 -21.49 3.81
N PRO B 78 -5.63 -22.22 4.36
CA PRO B 78 -4.39 -22.37 3.60
C PRO B 78 -4.63 -23.20 2.33
N PRO B 79 -3.69 -23.13 1.39
CA PRO B 79 -3.78 -23.89 0.15
C PRO B 79 -3.69 -25.39 0.39
N LYS B 80 -4.30 -26.16 -0.48
CA LYS B 80 -4.20 -27.60 -0.43
C LYS B 80 -2.76 -28.05 -0.66
N SER B 81 -2.39 -29.15 -0.03
CA SER B 81 -1.03 -29.64 -0.12
C SER B 81 -0.69 -29.86 -1.60
N LYS B 82 -1.67 -30.28 -2.39
CA LYS B 82 -1.37 -30.57 -3.79
C LYS B 82 -0.83 -29.35 -4.54
N ASN B 83 -1.39 -28.18 -4.24
CA ASN B 83 -0.94 -26.96 -4.89
C ASN B 83 0.39 -26.43 -4.35
N ILE B 84 0.62 -26.63 -3.06
CA ILE B 84 1.93 -26.34 -2.50
C ILE B 84 2.98 -27.22 -3.16
N LEU B 85 2.68 -28.51 -3.32
CA LEU B 85 3.59 -29.44 -4.00
C LEU B 85 3.86 -29.04 -5.46
N LYS B 86 2.80 -28.66 -6.18
CA LYS B 86 2.97 -28.09 -7.51
C LYS B 86 3.94 -26.91 -7.53
N ALA B 87 3.80 -25.99 -6.57
CA ALA B 87 4.70 -24.83 -6.54
C ALA B 87 6.12 -25.28 -6.25
N ILE B 88 6.30 -26.28 -5.38
CA ILE B 88 7.65 -26.72 -5.00
C ILE B 88 8.32 -27.33 -6.24
N ARG B 89 7.59 -28.21 -6.92
CA ARG B 89 8.11 -28.87 -8.09
C ARG B 89 8.45 -27.84 -9.15
N GLN B 90 7.61 -26.83 -9.31
CA GLN B 90 7.89 -25.87 -10.36
C GLN B 90 9.15 -25.04 -10.15
N VAL B 91 9.41 -24.63 -8.91
CA VAL B 91 10.58 -23.79 -8.66
C VAL B 91 11.87 -24.60 -8.48
N ASN B 92 11.74 -25.88 -8.19
CA ASN B 92 12.88 -26.75 -7.94
C ASN B 92 13.76 -26.96 -9.15
N SER B 93 15.08 -26.84 -8.96
CA SER B 93 16.02 -27.22 -10.00
C SER B 93 17.12 -28.10 -9.43
N GLY B 94 16.84 -28.72 -8.28
CA GLY B 94 17.80 -29.62 -7.67
C GLY B 94 18.81 -28.91 -6.78
N LYS B 95 18.59 -27.62 -6.50
CA LYS B 95 19.40 -26.93 -5.50
C LYS B 95 18.75 -26.70 -4.14
N GLY B 96 17.62 -27.36 -3.89
CA GLY B 96 16.86 -27.11 -2.67
C GLY B 96 15.67 -26.21 -2.96
N VAL B 97 14.70 -26.23 -2.05
CA VAL B 97 13.58 -25.30 -2.09
C VAL B 97 13.37 -24.99 -0.62
N PHE B 98 13.25 -23.70 -0.29
CA PHE B 98 12.97 -23.29 1.09
C PHE B 98 11.54 -22.78 1.22
N VAL B 99 10.86 -23.20 2.29
CA VAL B 99 9.45 -22.86 2.49
C VAL B 99 9.29 -22.14 3.83
N ILE B 100 8.59 -21.01 3.82
CA ILE B 100 8.25 -20.25 5.03
C ILE B 100 6.78 -20.48 5.36
N ILE B 101 6.50 -20.96 6.57
CA ILE B 101 5.15 -21.40 6.90
C ILE B 101 4.79 -20.65 8.18
N LYS B 102 3.58 -20.12 8.27
CA LYS B 102 3.12 -19.48 9.52
C LYS B 102 2.60 -20.53 10.50
N ASN B 103 2.84 -20.34 11.79
CA ASN B 103 2.44 -21.35 12.79
C ASN B 103 0.93 -21.40 13.06
N PHE B 104 0.17 -22.00 12.15
CA PHE B 104 -1.23 -22.33 12.41
C PHE B 104 -1.43 -23.79 12.06
N GLU B 105 -2.27 -24.48 12.83
CA GLU B 105 -2.43 -25.91 12.68
C GLU B 105 -2.81 -26.27 11.25
N ALA B 106 -3.72 -25.52 10.65
CA ALA B 106 -4.19 -25.88 9.30
C ALA B 106 -3.02 -25.73 8.31
N ASP B 107 -2.25 -24.66 8.45
CA ASP B 107 -1.16 -24.37 7.54
C ASP B 107 -0.10 -25.46 7.68
N LEU B 108 0.25 -25.80 8.91
CA LEU B 108 1.24 -26.85 9.16
C LEU B 108 0.84 -28.16 8.53
N LYS B 109 -0.43 -28.54 8.69
CA LYS B 109 -0.89 -29.77 8.07
C LYS B 109 -0.66 -29.83 6.56
N GLU B 110 -1.00 -28.77 5.83
CA GLU B 110 -0.94 -28.78 4.37
C GLU B 110 0.51 -28.68 3.92
N PHE B 111 1.24 -27.77 4.52
CA PHE B 111 2.65 -27.62 4.15
C PHE B 111 3.45 -28.86 4.50
N ASN B 112 3.23 -29.45 5.68
CA ASN B 112 3.96 -30.67 6.01
C ASN B 112 3.72 -31.81 5.03
N GLU B 113 2.46 -31.98 4.62
CA GLU B 113 2.15 -33.00 3.65
C GLU B 113 2.87 -32.78 2.33
N ALA B 114 2.92 -31.54 1.86
CA ALA B 114 3.54 -31.26 0.57
C ALA B 114 5.05 -31.44 0.65
N ILE B 115 5.64 -31.01 1.76
CA ILE B 115 7.09 -31.08 1.93
C ILE B 115 7.51 -32.52 2.02
N LYS B 116 6.76 -33.31 2.81
CA LYS B 116 7.04 -34.74 2.87
C LYS B 116 6.98 -35.42 1.51
N GLU B 117 5.98 -35.11 0.69
CA GLU B 117 5.88 -35.78 -0.61
C GLU B 117 6.99 -35.31 -1.54
N ALA B 118 7.30 -34.02 -1.50
CA ALA B 118 8.40 -33.46 -2.26
C ALA B 118 9.71 -34.15 -1.95
N ARG B 119 9.98 -34.36 -0.65
CA ARG B 119 11.22 -35.03 -0.27
C ARG B 119 11.26 -36.48 -0.74
N THR B 120 10.13 -37.17 -0.72
CA THR B 120 10.14 -38.54 -1.22
C THR B 120 10.40 -38.58 -2.72
N GLU B 121 10.09 -37.48 -3.42
CA GLU B 121 10.41 -37.34 -4.84
C GLU B 121 11.85 -36.84 -5.08
N GLY B 122 12.60 -36.61 -4.01
CA GLY B 122 14.03 -36.32 -4.15
C GLY B 122 14.38 -34.85 -4.13
N ILE B 123 13.40 -33.99 -3.86
CA ILE B 123 13.65 -32.56 -3.75
C ILE B 123 14.05 -32.18 -2.32
N ASP B 124 15.19 -31.51 -2.17
CA ASP B 124 15.66 -31.06 -0.86
C ASP B 124 14.87 -29.86 -0.34
N VAL B 125 13.67 -30.12 0.16
CA VAL B 125 12.85 -29.04 0.69
C VAL B 125 13.11 -28.83 2.16
N ARG B 126 13.34 -27.58 2.57
CA ARG B 126 13.57 -27.23 3.96
C ARG B 126 12.63 -26.09 4.29
N TYR B 127 12.39 -25.85 5.56
CA TYR B 127 11.34 -24.93 5.95
C TYR B 127 11.70 -24.24 7.26
N ILE B 128 11.03 -23.13 7.56
CA ILE B 128 11.09 -22.55 8.90
C ILE B 128 9.62 -22.22 9.17
N VAL B 129 9.23 -22.31 10.43
CA VAL B 129 7.88 -21.94 10.81
C VAL B 129 7.94 -20.63 11.60
N SER B 130 7.24 -19.58 11.17
CA SER B 130 7.29 -18.34 11.94
C SER B 130 6.34 -18.45 13.10
N HIS B 131 6.70 -17.83 14.22
CA HIS B 131 5.98 -17.98 15.47
C HIS B 131 6.20 -16.74 16.31
N ASP B 132 6.14 -15.59 15.65
CA ASP B 132 6.58 -14.32 16.24
C ASP B 132 5.61 -13.70 17.21
N ASP B 133 4.35 -14.09 17.15
CA ASP B 133 3.34 -13.52 18.04
C ASP B 133 3.67 -13.78 19.51
N ILE B 134 3.81 -12.72 20.31
CA ILE B 134 4.05 -12.92 21.74
C ILE B 134 2.76 -12.89 22.59
N SER B 135 1.60 -12.85 21.94
CA SER B 135 0.32 -12.75 22.67
C SER B 135 0.19 -13.72 23.83
N VAL B 136 0.47 -15.00 23.60
CA VAL B 136 0.28 -15.93 24.72
C VAL B 136 1.16 -15.68 25.93
N ASN B 137 2.38 -15.17 25.73
CA ASN B 137 3.21 -14.82 26.88
C ASN B 137 2.80 -13.49 27.53
N ALA B 138 2.34 -12.55 26.72
CA ALA B 138 1.96 -11.22 27.19
C ALA B 138 0.73 -11.37 28.09
N TYR B 139 -0.20 -12.22 27.68
CA TYR B 139 -1.50 -12.31 28.35
C TYR B 139 -1.73 -13.61 29.12
N ASN B 140 -0.75 -14.51 29.08
CA ASN B 140 -0.70 -15.68 29.98
C ASN B 140 -1.69 -16.78 29.59
N PHE B 141 -1.58 -17.24 28.35
CA PHE B 141 -2.41 -18.33 27.83
C PHE B 141 -1.53 -19.49 27.39
N HIS B 142 -2.08 -20.69 27.43
CA HIS B 142 -1.34 -21.87 27.01
C HIS B 142 -1.83 -22.28 25.63
N LYS B 143 -1.52 -21.42 24.65
CA LYS B 143 -2.00 -21.56 23.29
C LYS B 143 -0.78 -21.40 22.37
N ARG B 144 -1.03 -21.55 21.07
CA ARG B 144 0.04 -21.59 20.08
C ARG B 144 0.63 -20.21 19.87
N HIS B 145 1.90 -20.17 19.46
CA HIS B 145 2.55 -18.91 19.14
C HIS B 145 2.39 -18.72 17.64
N ARG B 146 1.40 -17.94 17.27
CA ARG B 146 1.07 -17.68 15.88
C ARG B 146 2.20 -17.03 15.10
N GLY B 147 2.30 -17.38 13.82
CA GLY B 147 3.16 -16.64 12.91
C GLY B 147 2.37 -15.52 12.28
N VAL B 148 2.85 -14.28 12.42
CA VAL B 148 2.06 -13.13 12.00
C VAL B 148 2.91 -12.14 11.17
N ALA B 149 2.78 -10.82 11.33
CA ALA B 149 3.37 -9.87 10.37
C ALA B 149 4.89 -9.95 10.32
N GLY B 150 5.49 -10.36 11.43
CA GLY B 150 6.95 -10.52 11.47
C GLY B 150 7.46 -11.54 10.47
N THR B 151 6.58 -12.43 10.00
CA THR B 151 6.97 -13.40 8.98
C THR B 151 7.62 -12.75 7.76
N ILE B 152 7.22 -11.54 7.38
CA ILE B 152 7.73 -10.93 6.16
C ILE B 152 9.21 -10.59 6.25
N LEU B 153 9.74 -10.49 7.47
CA LEU B 153 11.19 -10.32 7.62
C LEU B 153 11.94 -11.54 7.12
N LEU B 154 11.34 -12.71 7.27
CA LEU B 154 11.93 -13.91 6.74
C LEU B 154 11.91 -13.85 5.23
N HIS B 155 10.79 -13.43 4.63
CA HIS B 155 10.72 -13.39 3.17
C HIS B 155 11.84 -12.49 2.69
N LYS B 156 12.06 -11.36 3.36
CA LYS B 156 12.93 -10.35 2.78
C LYS B 156 14.38 -10.77 3.00
N ILE B 157 14.68 -11.21 4.21
CA ILE B 157 16.09 -11.50 4.51
C ILE B 157 16.56 -12.80 3.85
N LEU B 158 15.73 -13.85 3.91
CA LEU B 158 16.11 -15.12 3.30
C LEU B 158 16.13 -14.98 1.77
N GLY B 159 15.17 -14.23 1.26
CA GLY B 159 15.05 -13.98 -0.17
C GLY B 159 16.29 -13.28 -0.68
N ALA B 160 16.77 -12.30 0.09
CA ALA B 160 17.97 -11.54 -0.33
C ALA B 160 19.21 -12.41 -0.27
N PHE B 161 19.33 -13.12 0.83
CA PHE B 161 20.45 -14.05 1.02
C PHE B 161 20.48 -15.13 -0.07
N ALA B 162 19.32 -15.64 -0.41
CA ALA B 162 19.22 -16.65 -1.47
C ALA B 162 19.63 -16.02 -2.81
N LYS B 163 19.16 -14.81 -3.06
CA LYS B 163 19.43 -14.10 -4.32
C LYS B 163 20.92 -13.88 -4.49
N GLU B 164 21.60 -13.62 -3.38
CA GLU B 164 23.04 -13.41 -3.40
C GLU B 164 23.87 -14.68 -3.46
N GLY B 165 23.21 -15.84 -3.47
CA GLY B 165 23.95 -17.07 -3.74
C GLY B 165 23.93 -18.09 -2.62
N GLY B 166 23.15 -17.84 -1.56
CA GLY B 166 23.15 -18.74 -0.40
C GLY B 166 22.69 -20.15 -0.70
N SER B 167 23.39 -21.15 -0.19
CA SER B 167 22.98 -22.54 -0.39
C SER B 167 21.76 -22.87 0.48
N ILE B 168 21.05 -23.95 0.15
CA ILE B 168 19.85 -24.33 0.91
C ILE B 168 20.24 -24.55 2.37
N ASP B 169 21.41 -25.11 2.61
CA ASP B 169 21.84 -25.30 3.99
C ASP B 169 22.11 -23.98 4.70
N GLU B 170 22.78 -23.05 4.02
CA GLU B 170 23.04 -21.76 4.66
C GLU B 170 21.76 -20.97 4.90
N ILE B 171 20.80 -21.12 4.00
CA ILE B 171 19.52 -20.43 4.12
C ILE B 171 18.79 -20.93 5.35
N GLU B 172 18.79 -22.25 5.51
CA GLU B 172 18.19 -22.85 6.70
C GLU B 172 18.85 -22.35 7.98
N GLN B 173 20.17 -22.27 7.99
CA GLN B 173 20.86 -21.75 9.15
C GLN B 173 20.54 -20.30 9.43
N LEU B 174 20.41 -19.51 8.38
CA LEU B 174 20.07 -18.10 8.55
C LEU B 174 18.64 -18.03 9.10
N ALA B 175 17.75 -18.83 8.57
CA ALA B 175 16.37 -18.84 9.03
C ALA B 175 16.32 -19.16 10.54
N LEU B 176 17.13 -20.13 10.99
CA LEU B 176 17.19 -20.53 12.39
C LEU B 176 17.77 -19.47 13.30
N SER B 177 18.60 -18.61 12.70
CA SER B 177 19.15 -17.46 13.41
C SER B 177 18.18 -16.29 13.47
N LEU B 178 17.49 -16.02 12.36
CA LEU B 178 16.62 -14.86 12.27
C LEU B 178 15.26 -15.08 12.95
N SER B 179 14.63 -16.21 12.67
CA SER B 179 13.28 -16.44 13.17
C SER B 179 13.06 -16.13 14.69
N PRO B 180 13.93 -16.65 15.58
CA PRO B 180 13.72 -16.40 17.00
C PRO B 180 14.03 -14.96 17.44
N GLU B 181 14.50 -14.11 16.53
CA GLU B 181 14.77 -12.73 16.93
C GLU B 181 13.53 -11.88 16.73
N ILE B 182 12.50 -12.46 16.13
CA ILE B 182 11.37 -11.68 15.67
C ILE B 182 10.20 -11.71 16.67
N TYR B 183 9.77 -10.54 17.14
CA TYR B 183 8.75 -10.48 18.19
C TYR B 183 7.64 -9.54 17.76
N THR B 184 6.39 -10.00 17.81
CA THR B 184 5.29 -9.23 17.31
C THR B 184 4.12 -9.24 18.29
N LEU B 185 3.49 -8.09 18.46
CA LEU B 185 2.22 -8.04 19.19
C LEU B 185 1.25 -7.07 18.53
N GLY B 186 -0.03 -7.46 18.46
CA GLY B 186 -1.00 -6.63 17.74
C GLY B 186 -2.24 -6.37 18.57
N VAL B 187 -3.04 -5.41 18.09
CA VAL B 187 -4.28 -5.04 18.77
C VAL B 187 -5.31 -4.68 17.70
N ALA B 188 -6.55 -5.09 17.92
CA ALA B 188 -7.65 -4.80 17.03
C ALA B 188 -8.46 -3.67 17.62
N LEU B 189 -8.77 -2.70 16.78
CA LEU B 189 -9.59 -1.58 17.19
C LEU B 189 -11.02 -1.86 16.74
N ALA B 190 -11.20 -2.81 15.83
CA ALA B 190 -12.50 -3.17 15.31
C ALA B 190 -12.38 -4.52 14.60
N PRO B 191 -13.45 -5.36 14.70
CA PRO B 191 -13.34 -6.71 14.14
C PRO B 191 -13.50 -6.69 12.62
N VAL B 192 -13.32 -7.84 11.98
CA VAL B 192 -13.60 -7.96 10.54
C VAL B 192 -15.10 -7.79 10.38
N HIS B 193 -15.53 -7.01 9.39
CA HIS B 193 -16.94 -6.96 9.02
C HIS B 193 -17.21 -7.85 7.82
N PHE B 194 -18.25 -8.68 7.92
CA PHE B 194 -18.67 -9.54 6.83
C PHE B 194 -20.04 -9.08 6.36
N PRO B 195 -20.47 -9.55 5.18
CA PRO B 195 -21.84 -9.46 4.67
C PRO B 195 -22.93 -9.62 5.74
N HIS B 196 -24.08 -8.97 5.49
CA HIS B 196 -25.26 -9.14 6.33
C HIS B 196 -25.00 -8.72 7.76
N GLN B 197 -24.12 -7.73 7.92
CA GLN B 197 -23.90 -7.07 9.20
C GLN B 197 -23.31 -7.96 10.30
N LYS B 198 -22.59 -9.01 9.92
CA LYS B 198 -21.86 -9.80 10.89
C LYS B 198 -20.42 -9.32 11.08
N THR B 199 -19.89 -9.56 12.28
CA THR B 199 -18.54 -9.22 12.66
C THR B 199 -17.78 -10.51 12.98
N SER B 200 -16.45 -10.49 12.92
CA SER B 200 -15.65 -11.66 13.30
C SER B 200 -15.66 -11.89 14.82
N PHE B 201 -15.86 -10.80 15.57
CA PHE B 201 -16.17 -10.86 16.99
C PHE B 201 -16.90 -9.60 17.46
N VAL B 202 -17.31 -9.58 18.73
CA VAL B 202 -18.06 -8.47 19.27
C VAL B 202 -17.12 -7.58 20.10
N LEU B 203 -17.01 -6.32 19.71
CA LEU B 203 -16.14 -5.37 20.39
C LEU B 203 -16.94 -4.10 20.59
N ALA B 204 -17.16 -3.72 21.85
CA ALA B 204 -17.77 -2.44 22.16
C ALA B 204 -16.99 -1.31 21.52
N GLU B 205 -17.66 -0.18 21.28
CA GLU B 205 -17.02 0.92 20.58
C GLU B 205 -15.89 1.56 21.37
N ASP B 206 -16.00 1.56 22.70
CA ASP B 206 -14.94 2.08 23.56
C ASP B 206 -13.90 1.04 23.96
N GLU B 207 -13.81 -0.05 23.21
CA GLU B 207 -12.92 -1.14 23.62
C GLU B 207 -11.94 -1.54 22.54
N VAL B 208 -10.80 -2.07 22.95
CA VAL B 208 -9.87 -2.64 21.99
C VAL B 208 -9.53 -4.06 22.41
N SER B 209 -8.99 -4.85 21.49
CA SER B 209 -8.71 -6.26 21.74
C SER B 209 -7.23 -6.50 21.50
N PHE B 210 -6.47 -6.67 22.58
CA PHE B 210 -5.04 -6.90 22.46
C PHE B 210 -4.74 -8.37 22.24
N GLY B 211 -3.67 -8.64 21.50
CA GLY B 211 -3.16 -9.99 21.37
C GLY B 211 -3.91 -10.68 20.24
N ILE B 212 -3.96 -10.03 19.08
CA ILE B 212 -4.71 -10.56 17.96
C ILE B 212 -3.80 -11.30 16.98
N GLY B 213 -4.41 -12.17 16.19
CA GLY B 213 -3.67 -12.78 15.09
C GLY B 213 -4.09 -12.14 13.78
N ILE B 214 -4.44 -12.96 12.79
CA ILE B 214 -4.62 -12.44 11.42
C ILE B 214 -5.86 -13.01 10.72
N HIQ B 215 -6.60 -13.90 11.38
CA HIQ B 215 -7.80 -14.48 10.79
C HIQ B 215 -9.05 -14.00 11.51
O HIQ B 215 -10.09 -14.63 11.43
CB HIQ B 215 -7.78 -16.01 10.88
CG HIQ B 215 -6.57 -16.67 10.28
ND1 HIQ B 215 -5.43 -16.95 10.94
CD2 HIQ B 215 -6.42 -17.10 8.97
CE1 HIQ B 215 -4.55 -17.55 10.09
NE2 HIQ B 215 -5.18 -17.62 8.92
O1 HIQ B 215 -4.45 -20.41 8.78
O2 HIQ B 215 -5.14 -17.75 6.46
O3 HIQ B 215 -2.57 -18.68 6.49
C1 HIQ B 215 -4.94 -19.72 7.64
C2 HIQ B 215 -4.59 -18.24 7.69
C3 HIQ B 215 -3.09 -18.02 7.63
N GLY B 216 -8.93 -12.87 12.20
CA GLY B 216 -10.09 -12.15 12.68
C GLY B 216 -10.68 -12.71 13.97
N GLU B 217 -9.97 -13.61 14.61
CA GLU B 217 -10.49 -14.14 15.88
C GLU B 217 -10.27 -13.06 16.95
N PRO B 218 -11.05 -13.11 18.04
CA PRO B 218 -10.91 -12.12 19.11
C PRO B 218 -9.51 -12.18 19.74
N GLY B 219 -9.02 -11.04 20.22
CA GLY B 219 -7.71 -11.03 20.87
C GLY B 219 -7.79 -11.66 22.26
N TYR B 220 -6.64 -11.77 22.92
CA TYR B 220 -6.60 -12.43 24.23
C TYR B 220 -7.06 -11.54 25.35
N ARG B 221 -7.04 -10.23 25.12
CA ARG B 221 -7.29 -9.32 26.22
C ARG B 221 -8.05 -8.07 25.81
N VAL B 222 -9.31 -7.97 26.21
CA VAL B 222 -10.10 -6.78 25.95
C VAL B 222 -9.85 -5.68 26.98
N GLU B 223 -9.61 -4.47 26.50
CA GLU B 223 -9.31 -3.34 27.36
C GLU B 223 -10.08 -2.12 26.92
N LYS B 224 -10.33 -1.20 27.84
CA LYS B 224 -10.97 0.05 27.49
C LYS B 224 -9.99 0.89 26.71
N PHE B 225 -10.47 1.57 25.68
CA PHE B 225 -9.59 2.40 24.87
C PHE B 225 -9.29 3.69 25.61
N GLU B 226 -8.02 4.03 25.73
CA GLU B 226 -7.65 5.23 26.48
C GLU B 226 -6.73 6.16 25.67
N GLY B 227 -6.76 5.99 24.36
CA GLY B 227 -6.02 6.85 23.44
C GLY B 227 -4.90 6.09 22.76
N SER B 228 -4.46 6.57 21.61
CA SER B 228 -3.46 5.86 20.84
C SER B 228 -2.15 5.75 21.63
N GLU B 229 -1.80 6.76 22.41
CA GLU B 229 -0.51 6.69 23.10
C GLU B 229 -0.50 5.51 24.07
N ARG B 230 -1.59 5.31 24.78
CA ARG B 230 -1.66 4.22 25.77
C ARG B 230 -1.69 2.85 25.10
N ILE B 231 -2.22 2.83 23.88
CA ILE B 231 -2.09 1.63 23.07
C ILE B 231 -0.62 1.33 22.74
N ALA B 232 0.12 2.32 22.27
CA ALA B 232 1.57 2.09 22.01
C ALA B 232 2.30 1.67 23.28
N ILE B 233 1.98 2.31 24.40
CA ILE B 233 2.65 1.99 25.65
C ILE B 233 2.37 0.54 26.02
N GLU B 234 1.14 0.09 25.83
CA GLU B 234 0.83 -1.30 26.16
C GLU B 234 1.62 -2.26 25.28
N LEU B 235 1.66 -2.02 23.98
CA LEU B 235 2.33 -2.94 23.07
C LEU B 235 3.81 -2.95 23.38
N VAL B 236 4.38 -1.78 23.62
CA VAL B 236 5.81 -1.70 23.86
C VAL B 236 6.14 -2.27 25.24
N ASN B 237 5.29 -2.04 26.23
CA ASN B 237 5.44 -2.68 27.53
C ASN B 237 5.53 -4.21 27.40
N LYS B 238 4.63 -4.79 26.64
CA LYS B 238 4.61 -6.24 26.47
C LYS B 238 5.81 -6.76 25.69
N LEU B 239 6.17 -6.04 24.63
CA LEU B 239 7.32 -6.44 23.84
C LEU B 239 8.57 -6.36 24.69
N LYS B 240 8.66 -5.30 25.49
CA LYS B 240 9.81 -5.15 26.38
C LYS B 240 9.94 -6.35 27.31
N ALA B 241 8.82 -6.79 27.87
CA ALA B 241 8.84 -7.85 28.84
C ALA B 241 9.35 -9.16 28.22
N GLU B 242 9.13 -9.34 26.92
CA GLU B 242 9.64 -10.53 26.23
C GLU B 242 11.09 -10.39 25.73
N ILE B 243 11.42 -9.21 25.24
CA ILE B 243 12.71 -8.96 24.62
C ILE B 243 13.78 -8.66 25.66
N ASN B 244 13.41 -7.93 26.71
CA ASN B 244 14.36 -7.51 27.73
C ASN B 244 15.58 -6.79 27.15
N TRP B 245 15.34 -5.75 26.36
CA TRP B 245 16.42 -5.09 25.65
C TRP B 245 17.35 -4.31 26.58
N GLN B 246 16.88 -4.00 27.78
CA GLN B 246 17.68 -3.23 28.71
C GLN B 246 18.89 -4.07 29.10
N LYS B 247 18.76 -5.37 28.88
CA LYS B 247 19.80 -6.31 29.27
C LYS B 247 20.80 -6.62 28.15
N LYS B 248 20.51 -6.14 26.93
CA LYS B 248 21.33 -6.44 25.75
C LYS B 248 22.25 -5.29 25.42
N ALA B 249 23.51 -5.58 25.12
CA ALA B 249 24.44 -4.54 24.67
C ALA B 249 24.00 -3.94 23.32
N ASN B 250 23.46 -4.79 22.46
CA ASN B 250 23.09 -4.39 21.10
C ASN B 250 21.72 -3.77 21.14
N LYS B 251 21.66 -2.47 20.90
CA LYS B 251 20.42 -1.71 21.01
C LYS B 251 19.77 -1.49 19.66
N ASN B 252 20.28 -2.15 18.62
CA ASN B 252 19.80 -1.88 17.26
C ASN B 252 18.67 -2.81 16.86
N TYR B 253 17.56 -2.23 16.40
CA TYR B 253 16.35 -2.95 16.05
C TYR B 253 15.80 -2.63 14.67
N ILE B 254 15.10 -3.60 14.11
CA ILE B 254 14.24 -3.42 12.96
C ILE B 254 12.82 -3.31 13.50
N LEU B 255 12.03 -2.37 12.98
CA LEU B 255 10.64 -2.23 13.39
C LEU B 255 9.69 -2.34 12.20
N LEU B 256 8.62 -3.13 12.33
CA LEU B 256 7.51 -3.04 11.40
C LEU B 256 6.28 -2.51 12.11
N VAL B 257 5.58 -1.58 11.46
CA VAL B 257 4.30 -1.07 11.98
C VAL B 257 3.28 -1.48 10.90
N ASN B 258 2.44 -2.44 11.25
CA ASN B 258 1.56 -3.13 10.30
C ASN B 258 0.11 -2.77 10.55
N GLY B 259 -0.60 -2.28 9.54
CA GLY B 259 -2.02 -2.04 9.66
C GLY B 259 -2.74 -3.32 9.28
N LEU B 260 -3.79 -3.64 10.02
CA LEU B 260 -4.48 -4.91 9.80
C LEU B 260 -5.58 -4.82 8.75
N GLY B 261 -5.82 -3.63 8.20
CA GLY B 261 -6.60 -3.53 6.95
C GLY B 261 -7.20 -2.16 6.75
N SER B 262 -8.03 -1.72 7.69
CA SER B 262 -8.79 -0.50 7.49
C SER B 262 -8.23 0.67 8.32
N THR B 263 -7.14 0.43 9.04
CA THR B 263 -6.45 1.52 9.74
C THR B 263 -5.76 2.36 8.66
N THR B 264 -5.92 3.67 8.74
CA THR B 264 -5.47 4.56 7.65
C THR B 264 -3.96 4.74 7.71
N LEU B 265 -3.37 5.09 6.58
CA LEU B 265 -1.95 5.47 6.61
C LEU B 265 -1.65 6.63 7.55
N MET B 266 -2.55 7.59 7.69
CA MET B 266 -2.34 8.68 8.66
C MET B 266 -2.21 8.12 10.09
N GLU B 267 -3.10 7.19 10.42
CA GLU B 267 -3.01 6.55 11.73
C GLU B 267 -1.73 5.73 11.89
N LEU B 268 -1.36 4.99 10.84
CA LEU B 268 -0.18 4.16 10.93
C LEU B 268 1.12 4.92 11.12
N TYR B 269 1.34 5.98 10.33
CA TYR B 269 2.56 6.77 10.51
C TYR B 269 2.56 7.60 11.80
N SER B 270 1.40 8.12 12.20
CA SER B 270 1.30 8.80 13.50
C SER B 270 1.65 7.81 14.61
N PHE B 271 1.13 6.58 14.51
CA PHE B 271 1.41 5.55 15.53
C PHE B 271 2.89 5.16 15.50
N GLN B 272 3.45 4.99 14.30
CA GLN B 272 4.88 4.73 14.15
C GLN B 272 5.71 5.78 14.87
N TYR B 273 5.35 7.04 14.71
CA TYR B 273 6.05 8.13 15.41
C TYR B 273 5.95 7.98 16.94
N ASP B 274 4.75 7.73 17.45
CA ASP B 274 4.61 7.58 18.90
C ASP B 274 5.46 6.41 19.39
N VAL B 275 5.44 5.31 18.67
CA VAL B 275 6.24 4.14 19.03
C VAL B 275 7.74 4.39 18.95
N MET B 276 8.18 5.05 17.88
CA MET B 276 9.59 5.36 17.71
C MET B 276 10.06 6.27 18.84
N ARG B 277 9.24 7.23 19.24
CA ARG B 277 9.67 8.09 20.37
C ARG B 277 9.80 7.26 21.65
N LEU B 278 8.90 6.30 21.87
CA LEU B 278 9.02 5.48 23.09
C LEU B 278 10.26 4.61 23.02
N LEU B 279 10.55 4.03 21.86
CA LEU B 279 11.71 3.16 21.76
C LEU B 279 12.98 3.99 21.87
N GLU B 280 12.93 5.24 21.42
CA GLU B 280 14.02 6.19 21.71
C GLU B 280 14.23 6.43 23.20
N LEU B 281 13.14 6.66 23.94
CA LEU B 281 13.27 6.88 25.38
C LEU B 281 13.87 5.62 26.02
N GLU B 282 13.62 4.47 25.39
CA GLU B 282 14.08 3.19 25.92
C GLU B 282 15.53 2.90 25.54
N GLY B 283 16.14 3.77 24.74
CA GLY B 283 17.57 3.69 24.45
C GLY B 283 17.85 2.85 23.20
N LEU B 284 16.81 2.55 22.44
CA LEU B 284 16.96 1.73 21.23
C LEU B 284 17.26 2.58 19.98
N SER B 285 17.91 1.96 18.99
CA SER B 285 18.17 2.61 17.72
C SER B 285 17.48 1.78 16.68
N VAL B 286 16.44 2.33 16.06
CA VAL B 286 15.71 1.59 15.04
C VAL B 286 16.44 1.92 13.74
N LYS B 287 17.00 0.90 13.11
CA LYS B 287 17.91 1.07 11.99
C LYS B 287 17.17 0.76 10.68
N PHE B 288 15.99 0.18 10.79
CA PHE B 288 15.14 -0.03 9.63
C PHE B 288 13.70 -0.07 10.07
N CYS B 289 12.83 0.62 9.33
CA CYS B 289 11.41 0.65 9.70
C CYS B 289 10.61 0.43 8.41
N LYS B 290 9.52 -0.31 8.50
CA LYS B 290 8.59 -0.40 7.37
C LYS B 290 7.17 -0.26 7.89
N VAL B 291 6.37 0.56 7.23
CA VAL B 291 5.05 0.91 7.77
C VAL B 291 4.05 0.67 6.64
N GLY B 292 2.93 0.03 6.95
CA GLY B 292 1.89 -0.06 5.93
C GLY B 292 0.98 -1.23 6.24
N ASN B 293 0.12 -1.57 5.29
CA ASN B 293 -0.63 -2.83 5.37
C ASN B 293 0.28 -3.93 4.88
N LEU B 294 0.95 -4.62 5.80
CA LEU B 294 1.98 -5.59 5.43
C LEU B 294 1.42 -7.02 5.51
N MET B 295 0.50 -7.25 6.44
CA MET B 295 -0.20 -8.53 6.55
C MET B 295 -1.49 -8.23 7.28
N THR B 296 -2.61 -8.41 6.60
CA THR B 296 -3.87 -7.82 7.02
C THR B 296 -4.82 -8.92 7.45
N SER B 297 -6.02 -8.53 7.84
CA SER B 297 -7.06 -9.49 8.13
C SER B 297 -8.32 -8.87 7.60
N CYS B 298 -8.63 -9.14 6.33
CA CYS B 298 -9.73 -8.46 5.68
C CYS B 298 -9.73 -6.95 6.00
N ASP B 299 -10.85 -6.41 6.48
CA ASP B 299 -10.94 -4.98 6.76
C ASP B 299 -10.82 -4.66 8.24
N MET B 300 -10.15 -5.53 8.98
CA MET B 300 -9.95 -5.28 10.40
C MET B 300 -9.18 -3.98 10.61
N SER B 301 -9.62 -3.18 11.57
CA SER B 301 -8.84 -2.05 12.02
C SER B 301 -7.93 -2.47 13.16
N GLY B 302 -6.65 -2.20 13.06
CA GLY B 302 -5.76 -2.75 14.04
C GLY B 302 -4.34 -2.48 13.65
N ILE B 303 -3.41 -2.69 14.57
CA ILE B 303 -2.01 -2.47 14.29
C ILE B 303 -1.26 -3.57 15.01
N SER B 304 -0.22 -4.10 14.37
CA SER B 304 0.76 -4.91 15.07
C SER B 304 2.12 -4.24 14.93
N LEU B 305 2.93 -4.39 15.98
CA LEU B 305 4.31 -3.90 15.98
C LEU B 305 5.19 -5.12 16.00
N THR B 306 6.24 -5.12 15.19
CA THR B 306 7.18 -6.23 15.19
C THR B 306 8.54 -5.60 15.48
N LEU B 307 9.26 -6.16 16.44
CA LEU B 307 10.66 -5.78 16.60
C LEU B 307 11.60 -6.95 16.34
N CYS B 308 12.80 -6.66 15.84
CA CYS B 308 13.74 -7.72 15.55
C CYS B 308 15.15 -7.15 15.76
N SER B 309 15.93 -7.73 16.66
CA SER B 309 17.29 -7.26 16.85
C SER B 309 18.05 -7.32 15.53
N VAL B 310 18.86 -6.31 15.25
CA VAL B 310 19.82 -6.41 14.15
C VAL B 310 21.01 -7.23 14.64
N LYS B 311 20.87 -8.54 14.62
CA LYS B 311 21.82 -9.39 15.33
C LYS B 311 23.13 -9.40 14.53
N ASP B 312 22.96 -9.38 13.21
CA ASP B 312 24.08 -9.33 12.29
C ASP B 312 23.91 -8.05 11.48
N PRO B 313 24.90 -7.17 11.48
CA PRO B 313 24.71 -5.99 10.65
C PRO B 313 24.39 -6.28 9.17
N LYS B 314 24.81 -7.43 8.65
CA LYS B 314 24.47 -7.79 7.27
C LYS B 314 22.97 -7.77 7.04
N TRP B 315 22.19 -8.00 8.10
CA TRP B 315 20.75 -8.07 7.93
C TRP B 315 20.17 -6.78 7.38
N LEU B 316 20.78 -5.64 7.74
CA LEU B 316 20.34 -4.36 7.21
C LEU B 316 20.59 -4.30 5.71
N ASP B 317 21.72 -4.88 5.29
CA ASP B 317 22.01 -4.97 3.86
C ASP B 317 20.92 -5.78 3.18
N TYR B 318 20.59 -6.94 3.74
CA TYR B 318 19.54 -7.78 3.17
C TYR B 318 18.20 -7.06 3.13
N LEU B 319 17.88 -6.30 4.17
CA LEU B 319 16.59 -5.61 4.21
C LEU B 319 16.52 -4.54 3.12
N ASN B 320 17.67 -4.03 2.74
CA ASN B 320 17.73 -2.84 1.89
C ASN B 320 17.95 -3.20 0.43
N VAL B 321 18.19 -4.47 0.14
CA VAL B 321 18.32 -4.85 -1.27
C VAL B 321 16.99 -4.73 -2.01
N PRO B 322 17.02 -4.24 -3.25
CA PRO B 322 15.81 -4.04 -4.04
C PRO B 322 15.22 -5.38 -4.48
N THR B 323 13.90 -5.45 -4.54
CA THR B 323 13.26 -6.68 -4.96
C THR B 323 12.24 -6.33 -6.03
N GLY B 324 11.68 -7.37 -6.65
CA GLY B 324 10.62 -7.16 -7.61
C GLY B 324 9.24 -7.34 -7.04
N ALA B 325 9.13 -7.42 -5.72
CA ALA B 325 7.88 -7.75 -5.05
C ALA B 325 7.04 -6.50 -4.80
N PHE B 326 5.78 -6.51 -5.22
CA PHE B 326 5.07 -5.23 -5.28
C PHE B 326 4.88 -4.53 -3.94
N ALA B 327 4.89 -5.29 -2.86
CA ALA B 327 4.66 -4.68 -1.56
C ALA B 327 5.97 -4.41 -0.83
N TRP B 328 7.11 -4.67 -1.47
CA TRP B 328 8.40 -4.35 -0.88
C TRP B 328 9.44 -4.04 -1.92
N LEU B 329 9.22 -2.93 -2.61
CA LEU B 329 10.13 -2.46 -3.64
C LEU B 329 11.15 -1.45 -3.10
N GLU B 330 11.10 -1.05 -1.83
CA GLU B 330 12.05 0.00 -1.42
C GLU B 330 13.47 -0.57 -1.42
N HIS B 331 14.45 0.31 -1.61
CA HIS B 331 15.86 -0.02 -1.36
C HIS B 331 16.73 1.19 -1.02
N HIS B 332 17.92 0.93 -0.48
CA HIS B 332 18.86 1.98 -0.14
C HIS B 332 19.12 2.96 -1.29
S SO4 C . -15.34 16.18 -2.15
O1 SO4 C . -16.44 16.33 -3.09
O2 SO4 C . -15.62 15.11 -1.19
O3 SO4 C . -15.22 17.48 -1.45
O4 SO4 C . -14.03 15.96 -2.74
S SO4 D . 11.72 16.25 -9.88
O1 SO4 D . 11.10 15.28 -10.80
O2 SO4 D . 10.67 17.05 -9.12
O3 SO4 D . 12.61 17.12 -10.69
O4 SO4 D . 12.52 15.37 -8.99
S SO4 E . -6.22 -15.91 14.34
O1 SO4 E . -5.95 -16.00 15.76
O2 SO4 E . -7.15 -14.84 14.08
O3 SO4 E . -6.71 -17.25 14.00
O4 SO4 E . -4.99 -15.71 13.57
S SO4 F . 14.72 -16.10 -4.59
O1 SO4 F . 13.50 -16.83 -4.13
O2 SO4 F . 15.04 -15.03 -3.64
O3 SO4 F . 14.47 -15.41 -5.87
O4 SO4 F . 15.91 -16.96 -4.74
#